data_2HKM
#
_entry.id   2HKM
#
_cell.length_a   70.398
_cell.length_b   89.109
_cell.length_c   80.082
_cell.angle_alpha   90.000
_cell.angle_beta   90.470
_cell.angle_gamma   90.000
#
_symmetry.space_group_name_H-M   'P 1 21 1'
#
loop_
_entity.id
_entity.type
_entity.pdbx_description
1 polymer 'Aromatic amine dehydrogenase'
2 polymer 'Aromatic amine dehydrogenase'
3 non-polymer 2-PHENYLETHYLAMINE
4 water water
#
loop_
_entity_poly.entity_id
_entity_poly.type
_entity_poly.pdbx_seq_one_letter_code
_entity_poly.pdbx_strand_id
1 'polypeptide(L)'
;AGGGGSSSGADHISLNPDLANEDEVNSCDYWRHCAVDGFLCSCCGGTTTTCPPGSTPSPIS(TRQ)IGTCHNPHDGKDYL
ISYHDCCGKTACGRCQCNTQTRERPGYEFFLHNDVNWCMANENSTFHCTTSVLVGLAKN
;
D,H
2 'polypeptide(L)'
;PREVLTGGHSVSAPQENRIYVMDSVFMHLTESRVHVYDYTNGKFLGMVPTAFNGHVQVSNDGKKIYTMTTYHERITRGKR
SDVVEVWDADKLTFEKEISLPPKRVQGLNYDGLFRQTTDGKFIVLQNASPATSIGIVDVAKGDYVEDVTAAAGCWSVIPQ
PNRPRSFMTICGDGGLLTINLGEDGKVASQSRSKQMFSVKDDPIFIAPALDKDKAHFVSYYGNVYSADFSGDEVKVDGPW
SLLNDEDKAKNWVPGGYNLVGLHRASGRMYVFMHPDGKEGTHKFPAAEIWVMDTKTKQRVARIPGRDALSMTIDQQRNLM
LTLDGGNVNVYDISQPEPKLLRTIEGAAEASLQVQFHPVGGT
;
A,B
#
loop_
_chem_comp.id
_chem_comp.type
_chem_comp.name
_chem_comp.formula
PEA non-polymer 2-PHENYLETHYLAMINE 'C8 H12 N 1'
#
# COMPACT_ATOMS: atom_id res chain seq x y z
N GLU A 24 18.19 22.08 0.80
CA GLU A 24 18.38 22.18 2.28
C GLU A 24 17.06 22.01 3.04
N VAL A 25 15.98 22.60 2.54
CA VAL A 25 14.66 22.48 3.21
C VAL A 25 14.08 21.06 3.07
N ASN A 26 14.52 20.31 2.07
CA ASN A 26 14.00 18.95 1.83
C ASN A 26 14.75 17.85 2.59
N SER A 27 15.64 18.27 3.49
CA SER A 27 16.41 17.38 4.34
C SER A 27 15.83 17.34 5.76
N CYS A 28 15.88 16.18 6.38
CA CYS A 28 15.39 16.01 7.74
C CYS A 28 16.25 16.78 8.74
N ASP A 29 17.45 17.18 8.33
CA ASP A 29 18.36 17.94 9.19
C ASP A 29 18.10 19.42 9.17
N TYR A 30 17.27 19.90 8.25
CA TYR A 30 16.89 21.31 8.25
C TYR A 30 16.37 21.68 9.64
N TRP A 31 16.81 22.85 10.14
CA TRP A 31 16.65 23.15 11.55
C TRP A 31 15.18 23.18 12.01
N ARG A 32 14.29 23.56 11.10
CA ARG A 32 12.87 23.66 11.39
C ARG A 32 12.17 22.33 11.61
N HIS A 33 12.76 21.28 11.09
CA HIS A 33 12.08 19.98 11.04
C HIS A 33 12.43 19.11 12.26
N CYS A 34 12.69 19.74 13.40
CA CYS A 34 13.28 19.03 14.52
C CYS A 34 12.33 18.09 15.28
N ALA A 35 11.01 18.22 15.06
CA ALA A 35 10.06 17.24 15.60
C ALA A 35 9.06 16.72 14.53
N VAL A 36 9.52 16.55 13.31
CA VAL A 36 8.71 15.98 12.20
C VAL A 36 8.71 14.47 12.23
N ASP A 37 7.50 13.87 12.28
CA ASP A 37 7.27 12.45 12.02
C ASP A 37 6.34 12.38 10.81
N GLY A 38 6.91 12.20 9.64
CA GLY A 38 6.09 12.14 8.45
C GLY A 38 6.87 12.52 7.24
N PHE A 39 6.17 12.76 6.15
CA PHE A 39 6.77 13.13 4.85
C PHE A 39 6.79 14.63 4.70
N LEU A 40 7.93 15.21 4.33
CA LEU A 40 8.00 16.68 4.23
C LEU A 40 7.17 17.18 3.05
N CYS A 41 6.23 18.10 3.30
CA CYS A 41 5.38 18.59 2.23
C CYS A 41 6.13 19.29 1.11
N SER A 42 7.33 19.82 1.41
CA SER A 42 8.12 20.51 0.40
C SER A 42 8.71 19.57 -0.64
N CYS A 43 8.66 18.27 -0.35
CA CYS A 43 9.06 17.23 -1.30
C CYS A 43 7.85 16.66 -2.04
N CYS A 44 6.65 17.15 -1.74
CA CYS A 44 5.41 16.52 -2.16
C CYS A 44 4.58 17.41 -3.05
N GLY A 45 5.21 18.44 -3.61
CA GLY A 45 4.52 19.36 -4.49
C GLY A 45 4.00 20.57 -3.74
N GLY A 46 4.27 20.65 -2.45
CA GLY A 46 3.97 21.84 -1.66
C GLY A 46 5.22 22.57 -1.28
N THR A 47 5.08 23.37 -0.24
CA THR A 47 6.24 24.04 0.36
C THR A 47 6.16 23.86 1.86
N THR A 48 7.10 24.46 2.57
CA THR A 48 7.10 24.33 4.02
C THR A 48 5.83 24.91 4.64
N THR A 49 5.20 25.86 3.97
CA THR A 49 3.98 26.50 4.51
C THR A 49 2.78 26.42 3.57
N THR A 50 2.82 25.56 2.57
CA THR A 50 1.67 25.41 1.69
C THR A 50 1.48 23.91 1.44
N CYS A 51 0.24 23.49 1.56
CA CYS A 51 -0.09 22.11 1.26
C CYS A 51 0.03 21.83 -0.23
N PRO A 52 0.48 20.60 -0.59
CA PRO A 52 0.40 20.25 -1.97
C PRO A 52 -1.00 20.41 -2.52
N PRO A 53 -1.16 20.64 -3.83
CA PRO A 53 -2.49 20.83 -4.38
C PRO A 53 -3.44 19.70 -4.00
N GLY A 54 -4.64 20.05 -3.55
CA GLY A 54 -5.69 19.10 -3.26
C GLY A 54 -5.59 18.40 -1.92
N SER A 55 -4.63 18.79 -1.09
CA SER A 55 -4.55 18.37 0.30
C SER A 55 -4.86 19.55 1.23
N THR A 56 -5.48 19.24 2.37
CA THR A 56 -6.09 20.23 3.23
C THR A 56 -5.29 20.38 4.51
N PRO A 57 -4.98 21.63 4.93
CA PRO A 57 -4.30 21.82 6.21
C PRO A 57 -5.07 21.30 7.40
N SER A 58 -4.35 20.78 8.39
CA SER A 58 -4.98 20.43 9.65
C SER A 58 -5.16 21.71 10.44
N PRO A 59 -6.29 21.88 11.12
CA PRO A 59 -6.48 23.03 12.00
C PRO A 59 -5.79 22.88 13.36
N ILE A 60 -5.29 21.69 13.61
CA ILE A 60 -4.58 21.33 14.83
C ILE A 60 -3.22 20.74 14.48
N SER A 61 -2.30 20.74 15.43
CA SER A 61 -0.95 20.29 15.17
C SER A 61 -0.28 19.94 16.48
N TRQ A 62 0.83 19.21 16.38
CA TRQ A 62 1.77 19.16 17.48
C TRQ A 62 2.76 20.34 17.30
O TRQ A 62 2.87 20.91 16.21
CB TRQ A 62 2.47 17.80 17.59
CG TRQ A 62 3.28 17.33 16.38
CD1 TRQ A 62 4.61 17.57 16.16
NE1 TRQ A 62 5.01 16.94 15.02
CE2 TRQ A 62 3.96 16.26 14.46
CZ2 TRQ A 62 3.92 15.49 13.30
CH2 TRQ A 62 2.72 14.91 12.96
CZ3 TRQ A 62 1.58 15.08 13.76
CE3 TRQ A 62 1.63 15.87 14.93
CD2 TRQ A 62 2.85 16.46 15.29
O7 TRQ A 62 5.10 15.35 12.52
N ILE A 63 3.41 20.70 18.39
CA ILE A 63 4.28 21.86 18.41
C ILE A 63 5.68 21.40 18.77
N GLY A 64 6.68 22.01 18.14
CA GLY A 64 8.08 21.80 18.50
C GLY A 64 8.76 23.11 18.87
N THR A 65 9.85 22.98 19.61
CA THR A 65 10.76 24.08 19.86
C THR A 65 12.06 23.67 19.19
N CYS A 66 12.48 24.44 18.18
CA CYS A 66 13.69 24.12 17.42
C CYS A 66 14.73 25.24 17.47
N HIS A 67 15.99 24.84 17.50
CA HIS A 67 17.10 25.79 17.57
C HIS A 67 17.55 26.20 16.17
N ASN A 68 17.64 27.50 15.94
CA ASN A 68 18.09 28.04 14.66
C ASN A 68 19.60 28.22 14.75
N PRO A 69 20.36 27.48 13.92
CA PRO A 69 21.82 27.46 13.99
C PRO A 69 22.46 28.71 13.41
N HIS A 70 21.64 29.59 12.83
CA HIS A 70 22.12 30.79 12.19
C HIS A 70 22.11 31.97 13.15
N ASP A 71 20.96 32.23 13.77
CA ASP A 71 20.85 33.34 14.72
C ASP A 71 20.96 32.91 16.19
N GLY A 72 21.10 31.60 16.42
CA GLY A 72 21.29 31.08 17.79
C GLY A 72 20.03 31.04 18.65
N LYS A 73 18.88 31.42 18.07
CA LYS A 73 17.63 31.54 18.84
C LYS A 73 16.74 30.31 18.65
N ASP A 74 15.87 30.07 19.62
CA ASP A 74 14.90 28.97 19.55
C ASP A 74 13.56 29.50 19.11
N TYR A 75 12.85 28.71 18.32
CA TYR A 75 11.60 29.12 17.73
C TYR A 75 10.55 28.05 17.93
N LEU A 76 9.31 28.48 18.10
CA LEU A 76 8.18 27.56 18.13
C LEU A 76 7.76 27.23 16.72
N ILE A 77 7.69 25.92 16.43
CA ILE A 77 7.26 25.42 15.13
C ILE A 77 5.93 24.66 15.30
N SER A 78 4.98 24.93 14.42
CA SER A 78 3.71 24.23 14.42
C SER A 78 3.75 23.22 13.29
N TYR A 79 3.67 21.95 13.68
CA TYR A 79 3.73 20.83 12.74
C TYR A 79 2.36 20.42 12.25
N HIS A 80 1.80 21.22 11.35
CA HIS A 80 0.51 20.93 10.75
C HIS A 80 0.69 19.87 9.70
N ASP A 81 -0.30 18.98 9.59
CA ASP A 81 -0.34 18.02 8.50
C ASP A 81 -1.17 18.57 7.36
N CYS A 82 -0.93 18.04 6.18
CA CYS A 82 -1.84 18.18 5.07
C CYS A 82 -2.53 16.85 4.86
N CYS A 83 -3.84 16.92 4.59
CA CYS A 83 -4.72 15.77 4.78
C CYS A 83 -5.64 15.57 3.58
N GLY A 84 -6.24 14.38 3.51
CA GLY A 84 -7.25 14.11 2.50
C GLY A 84 -6.69 13.56 1.20
N LYS A 85 -5.42 13.17 1.21
CA LYS A 85 -4.77 12.43 0.12
C LYS A 85 -3.92 11.37 0.78
N THR A 86 -3.69 10.27 0.05
CA THR A 86 -2.91 9.20 0.56
C THR A 86 -1.43 9.58 0.66
N ALA A 87 -0.67 8.74 1.36
CA ALA A 87 0.68 9.08 1.78
C ALA A 87 1.54 9.58 0.61
N CYS A 88 2.18 10.74 0.80
CA CYS A 88 3.08 11.26 -0.21
C CYS A 88 4.25 10.31 -0.48
N GLY A 89 4.83 9.77 0.59
CA GLY A 89 5.90 8.77 0.44
C GLY A 89 7.31 9.31 0.27
N ARG A 90 7.49 10.63 0.19
CA ARG A 90 8.80 11.20 -0.08
C ARG A 90 9.30 11.98 1.11
N CYS A 91 10.61 11.99 1.30
CA CYS A 91 11.26 12.73 2.39
C CYS A 91 10.65 12.40 3.76
N GLN A 92 10.64 11.12 4.09
CA GLN A 92 10.20 10.69 5.41
C GLN A 92 11.22 11.09 6.46
N CYS A 93 10.75 11.81 7.48
CA CYS A 93 11.57 12.15 8.64
C CYS A 93 10.95 11.60 9.92
N ASN A 94 11.78 11.33 10.92
CA ASN A 94 11.28 10.90 12.23
C ASN A 94 12.10 11.50 13.35
N THR A 95 12.11 12.83 13.42
CA THR A 95 12.95 13.56 14.36
C THR A 95 12.11 13.91 15.59
N GLN A 96 12.77 13.94 16.75
CA GLN A 96 12.08 13.83 18.02
C GLN A 96 12.57 14.85 19.06
N THR A 97 13.19 15.92 18.62
CA THR A 97 13.71 16.96 19.54
C THR A 97 12.55 17.51 20.37
N ARG A 98 12.62 17.29 21.68
CA ARG A 98 11.67 17.82 22.66
C ARG A 98 10.28 17.22 22.53
N GLU A 99 10.17 16.13 21.76
CA GLU A 99 8.90 15.44 21.63
C GLU A 99 8.57 14.67 22.90
N ARG A 100 7.31 14.67 23.28
CA ARG A 100 6.88 14.00 24.49
C ARG A 100 5.65 13.12 24.26
N PRO A 101 5.37 12.17 25.18
CA PRO A 101 4.26 11.22 24.94
C PRO A 101 2.87 11.85 24.98
N GLY A 102 1.86 11.02 24.77
CA GLY A 102 0.51 11.51 24.57
C GLY A 102 -0.10 12.17 25.80
N TYR A 103 0.49 11.98 26.98
CA TYR A 103 0.00 12.70 28.18
C TYR A 103 0.43 14.17 28.20
N GLU A 104 1.28 14.58 27.25
CA GLU A 104 1.53 15.98 26.92
C GLU A 104 1.21 16.11 25.42
N PHE A 105 -0.08 16.10 25.14
CA PHE A 105 -0.59 15.68 23.82
C PHE A 105 -0.11 16.56 22.66
N PHE A 106 -0.02 17.87 22.86
CA PHE A 106 0.35 18.73 21.75
C PHE A 106 1.85 18.83 21.50
N LEU A 107 2.64 18.11 22.31
CA LEU A 107 4.06 17.92 22.04
C LEU A 107 4.35 16.55 21.44
N HIS A 108 3.30 15.82 21.08
CA HIS A 108 3.43 14.41 20.75
C HIS A 108 3.27 14.18 19.26
N ASN A 109 4.17 13.39 18.64
CA ASN A 109 4.14 13.26 17.16
C ASN A 109 3.92 11.82 16.63
N ASP A 110 3.53 10.90 17.51
CA ASP A 110 3.15 9.51 17.08
C ASP A 110 1.62 9.37 16.83
N VAL A 111 0.96 10.52 16.73
CA VAL A 111 -0.45 10.56 16.34
C VAL A 111 -0.62 11.36 15.07
N ASN A 112 -1.73 11.09 14.37
CA ASN A 112 -2.08 11.71 13.12
C ASN A 112 -2.75 13.04 13.38
N TRP A 113 -2.04 14.13 13.14
CA TRP A 113 -2.61 15.46 13.38
C TRP A 113 -3.66 15.84 12.33
N CYS A 114 -3.91 14.95 11.37
CA CYS A 114 -5.09 15.01 10.49
C CYS A 114 -6.37 14.45 11.15
N MET A 115 -6.28 13.96 12.37
CA MET A 115 -7.37 13.23 13.05
C MET A 115 -8.74 13.92 13.09
N ALA A 116 -8.71 15.25 13.07
CA ALA A 116 -9.95 16.05 13.14
C ALA A 116 -10.38 16.64 11.80
N ASN A 117 -9.66 16.33 10.73
CA ASN A 117 -10.06 16.86 9.43
C ASN A 117 -11.27 16.15 8.88
N GLU A 118 -11.90 16.77 7.89
CA GLU A 118 -13.02 16.17 7.17
C GLU A 118 -12.62 14.82 6.61
N ASN A 119 -11.42 14.74 6.05
CA ASN A 119 -10.82 13.46 5.73
C ASN A 119 -9.49 13.30 6.43
N SER A 120 -9.40 12.26 7.23
CA SER A 120 -8.24 12.08 8.13
C SER A 120 -7.03 11.41 7.46
N THR A 121 -7.11 11.08 6.18
CA THR A 121 -5.98 10.40 5.55
C THR A 121 -4.76 11.33 5.54
N PHE A 122 -3.63 10.81 5.98
CA PHE A 122 -2.43 11.60 6.16
C PHE A 122 -1.62 11.67 4.87
N HIS A 123 -1.27 12.87 4.47
CA HIS A 123 -0.57 13.09 3.19
C HIS A 123 0.89 13.48 3.42
N CYS A 124 1.12 14.58 4.13
CA CYS A 124 2.46 15.03 4.41
C CYS A 124 2.43 16.01 5.60
N THR A 125 3.61 16.35 6.12
CA THR A 125 3.71 17.23 7.29
C THR A 125 4.48 18.49 6.92
N THR A 126 4.00 19.64 7.42
CA THR A 126 4.64 20.96 7.24
C THR A 126 5.32 21.37 8.56
N SER A 127 6.15 22.41 8.46
CA SER A 127 6.90 22.93 9.61
C SER A 127 6.72 24.45 9.66
N VAL A 128 5.66 24.91 10.32
CA VAL A 128 5.22 26.30 10.26
C VAL A 128 5.83 27.10 11.39
N LEU A 129 6.54 28.17 11.05
CA LEU A 129 7.19 29.00 12.06
C LEU A 129 6.17 29.92 12.70
N VAL A 130 5.95 29.70 14.01
CA VAL A 130 5.03 30.54 14.79
C VAL A 130 5.75 31.81 15.25
N GLY A 131 6.92 31.64 15.85
CA GLY A 131 7.69 32.78 16.36
C GLY A 131 8.76 32.32 17.34
N LEU A 132 9.43 33.29 17.97
CA LEU A 132 10.43 32.95 18.98
C LEU A 132 9.77 32.21 20.11
N ALA A 133 10.49 31.26 20.70
CA ALA A 133 9.98 30.50 21.83
C ALA A 133 9.42 31.41 22.93
N SER B 14 5.71 -35.28 -8.95
CA SER B 14 5.64 -34.10 -9.86
C SER B 14 4.23 -33.50 -9.94
N LEU B 15 3.21 -34.33 -9.73
CA LEU B 15 1.82 -33.88 -9.85
C LEU B 15 1.18 -33.55 -8.51
N ASN B 16 1.93 -33.72 -7.42
CA ASN B 16 1.39 -33.56 -6.07
C ASN B 16 2.24 -32.59 -5.24
N PRO B 17 1.94 -31.29 -5.36
CA PRO B 17 2.78 -30.29 -4.74
C PRO B 17 2.82 -30.39 -3.22
N ASP B 18 1.73 -30.88 -2.62
CA ASP B 18 1.66 -31.03 -1.17
C ASP B 18 2.67 -32.06 -0.65
N LEU B 19 3.12 -32.96 -1.53
CA LEU B 19 4.15 -33.95 -1.20
C LEU B 19 5.58 -33.47 -1.50
N ALA B 20 5.71 -32.37 -2.24
CA ALA B 20 7.01 -31.85 -2.62
C ALA B 20 7.57 -30.92 -1.55
N ASN B 21 8.85 -30.58 -1.72
CA ASN B 21 9.51 -29.58 -0.89
C ASN B 21 8.88 -28.21 -1.12
N GLU B 22 8.47 -27.56 -0.04
CA GLU B 22 7.81 -26.25 -0.13
C GLU B 22 8.62 -25.25 -0.94
N ASP B 23 9.95 -25.28 -0.78
CA ASP B 23 10.84 -24.36 -1.48
C ASP B 23 10.76 -24.56 -3.00
N GLU B 24 10.48 -25.78 -3.42
CA GLU B 24 10.29 -26.08 -4.81
C GLU B 24 8.95 -25.52 -5.32
N VAL B 25 7.87 -25.72 -4.57
CA VAL B 25 6.54 -25.29 -5.04
C VAL B 25 6.37 -23.78 -4.91
N ASN B 26 7.10 -23.17 -3.99
CA ASN B 26 6.99 -21.72 -3.74
C ASN B 26 7.85 -20.91 -4.72
N SER B 27 8.48 -21.59 -5.66
CA SER B 27 9.34 -20.95 -6.66
C SER B 27 8.59 -20.67 -7.94
N CYS B 28 8.88 -19.55 -8.59
CA CYS B 28 8.23 -19.23 -9.86
C CYS B 28 8.63 -20.17 -10.98
N ASP B 29 9.72 -20.93 -10.81
CA ASP B 29 10.13 -21.87 -11.85
CA ASP B 29 10.19 -21.90 -11.80
C ASP B 29 9.52 -23.25 -11.66
N TYR B 30 8.75 -23.44 -10.60
CA TYR B 30 7.96 -24.68 -10.44
C TYR B 30 7.12 -24.88 -11.71
N TRP B 31 7.14 -26.08 -12.28
CA TRP B 31 6.70 -26.28 -13.65
C TRP B 31 5.25 -25.82 -13.94
N ARG B 32 4.36 -25.93 -12.96
CA ARG B 32 2.97 -25.67 -13.23
C ARG B 32 2.62 -24.19 -13.10
N HIS B 33 3.58 -23.42 -12.63
CA HIS B 33 3.36 -21.96 -12.45
C HIS B 33 3.77 -21.17 -13.70
N CYS B 34 3.52 -21.70 -14.87
CA CYS B 34 4.18 -21.21 -16.08
C CYS B 34 3.52 -19.97 -16.70
N ALA B 35 2.30 -19.64 -16.24
CA ALA B 35 1.66 -18.37 -16.64
C ALA B 35 1.04 -17.65 -15.45
N VAL B 36 1.75 -17.63 -14.33
CA VAL B 36 1.32 -16.94 -13.13
C VAL B 36 1.75 -15.48 -13.15
N ASP B 37 0.78 -14.58 -12.96
CA ASP B 37 1.01 -13.16 -12.66
C ASP B 37 0.38 -12.86 -11.29
N GLY B 38 1.20 -12.83 -10.25
CA GLY B 38 0.73 -12.49 -8.91
C GLY B 38 1.52 -13.24 -7.87
N PHE B 39 0.98 -13.25 -6.66
CA PHE B 39 1.64 -13.80 -5.46
C PHE B 39 1.18 -15.24 -5.27
N LEU B 40 2.10 -16.19 -5.13
CA LEU B 40 1.67 -17.59 -5.02
C LEU B 40 0.97 -17.83 -3.70
N CYS B 41 -0.27 -18.33 -3.76
CA CYS B 41 -1.02 -18.61 -2.52
C CYS B 41 -0.31 -19.55 -1.56
N SER B 42 0.55 -20.44 -2.06
CA SER B 42 1.26 -21.37 -1.17
C SER B 42 2.29 -20.70 -0.30
N CYS B 43 2.60 -19.42 -0.58
CA CYS B 43 3.47 -18.63 0.27
C CYS B 43 2.68 -17.70 1.17
N CYS B 44 1.36 -17.78 1.08
CA CYS B 44 0.48 -16.76 1.68
C CYS B 44 -0.42 -17.38 2.73
N GLY B 45 -0.05 -18.58 3.21
CA GLY B 45 -0.85 -19.26 4.23
C GLY B 45 -1.84 -20.27 3.69
N GLY B 46 -1.85 -20.44 2.36
CA GLY B 46 -2.60 -21.49 1.73
C GLY B 46 -1.68 -22.54 1.15
N THR B 47 -2.21 -23.28 0.20
CA THR B 47 -1.43 -24.24 -0.56
C THR B 47 -1.69 -24.02 -2.05
N THR B 48 -1.12 -24.88 -2.88
CA THR B 48 -1.32 -24.73 -4.31
C THR B 48 -2.80 -24.79 -4.71
N THR B 49 -3.61 -25.49 -3.91
CA THR B 49 -5.03 -25.74 -4.25
C THR B 49 -6.01 -25.34 -3.15
N THR B 50 -5.53 -24.53 -2.19
CA THR B 50 -6.40 -24.01 -1.12
C THR B 50 -6.10 -22.54 -0.86
N CYS B 51 -7.16 -21.76 -0.83
CA CYS B 51 -7.00 -20.34 -0.55
C CYS B 51 -6.53 -20.14 0.88
N PRO B 52 -5.68 -19.15 1.11
CA PRO B 52 -5.37 -18.82 2.48
C PRO B 52 -6.65 -18.52 3.29
N PRO B 53 -6.63 -18.76 4.59
CA PRO B 53 -7.87 -18.53 5.34
C PRO B 53 -8.48 -17.15 5.10
N GLY B 54 -9.77 -17.13 4.85
CA GLY B 54 -10.55 -15.89 4.75
C GLY B 54 -10.47 -15.23 3.38
N SER B 55 -9.88 -15.92 2.42
CA SER B 55 -9.89 -15.44 1.04
C SER B 55 -10.67 -16.45 0.20
N THR B 56 -11.29 -15.97 -0.87
CA THR B 56 -12.33 -16.73 -1.58
C THR B 56 -11.85 -17.11 -2.99
N PRO B 57 -12.04 -18.37 -3.44
CA PRO B 57 -11.61 -18.68 -4.81
C PRO B 57 -12.38 -17.90 -5.86
N SER B 58 -11.70 -17.53 -6.94
CA SER B 58 -12.39 -17.01 -8.11
C SER B 58 -13.11 -18.16 -8.85
N PRO B 59 -14.34 -17.92 -9.31
CA PRO B 59 -15.12 -18.88 -10.11
C PRO B 59 -14.63 -18.93 -11.57
N ILE B 60 -13.81 -17.96 -11.96
CA ILE B 60 -13.27 -17.85 -13.31
C ILE B 60 -11.75 -17.68 -13.19
N SER B 61 -11.06 -17.89 -14.30
CA SER B 61 -9.61 -17.87 -14.29
C SER B 61 -9.06 -17.75 -15.69
N TRQ B 62 -7.79 -17.42 -15.78
CA TRQ B 62 -7.09 -17.62 -17.02
C TRQ B 62 -6.56 -19.05 -16.96
O TRQ B 62 -6.55 -19.67 -15.89
CB TRQ B 62 -6.02 -16.53 -17.29
CG TRQ B 62 -4.93 -16.37 -16.29
CD1 TRQ B 62 -3.73 -16.98 -16.35
NE1 TRQ B 62 -2.94 -16.59 -15.30
CE2 TRQ B 62 -3.62 -15.69 -14.52
CZ2 TRQ B 62 -3.21 -15.01 -13.36
CH2 TRQ B 62 -4.10 -14.13 -12.78
CZ3 TRQ B 62 -5.36 -13.93 -13.33
CE3 TRQ B 62 -5.78 -14.61 -14.52
CD2 TRQ B 62 -4.88 -15.51 -15.12
O7 TRQ B 62 -1.91 -15.25 -12.81
N ILE B 63 -6.25 -19.61 -18.13
CA ILE B 63 -5.88 -21.01 -18.27
C ILE B 63 -4.72 -21.11 -19.23
N GLY B 64 -4.18 -22.31 -19.35
CA GLY B 64 -3.11 -22.57 -20.31
C GLY B 64 -2.45 -23.88 -20.00
N THR B 65 -1.48 -24.28 -20.82
CA THR B 65 -0.80 -25.55 -20.59
C THR B 65 0.63 -25.30 -20.18
N CYS B 66 1.14 -26.18 -19.32
CA CYS B 66 2.52 -26.14 -18.89
C CYS B 66 3.10 -27.53 -19.10
N HIS B 67 4.35 -27.59 -19.49
CA HIS B 67 5.03 -28.87 -19.68
C HIS B 67 5.60 -29.33 -18.36
N ASN B 68 5.40 -30.59 -18.04
CA ASN B 68 5.97 -31.18 -16.84
C ASN B 68 7.25 -31.91 -17.22
N PRO B 69 8.42 -31.36 -16.82
CA PRO B 69 9.70 -31.94 -17.24
C PRO B 69 10.01 -33.23 -16.52
N HIS B 70 9.32 -33.47 -15.41
CA HIS B 70 9.57 -34.64 -14.59
C HIS B 70 8.93 -35.88 -15.22
N ASP B 71 7.73 -35.73 -15.77
CA ASP B 71 7.05 -36.85 -16.44
C ASP B 71 6.95 -36.65 -17.96
N GLY B 72 7.42 -35.50 -18.46
CA GLY B 72 7.52 -35.24 -19.89
C GLY B 72 6.21 -34.94 -20.62
N LYS B 73 5.14 -34.72 -19.85
CA LYS B 73 3.81 -34.50 -20.42
C LYS B 73 3.35 -33.05 -20.25
N ASP B 74 2.36 -32.66 -21.05
CA ASP B 74 1.77 -31.32 -21.02
C ASP B 74 0.46 -31.36 -20.27
N TYR B 75 0.23 -30.36 -19.42
CA TYR B 75 -0.95 -30.35 -18.58
C TYR B 75 -1.71 -29.03 -18.70
N LEU B 76 -3.04 -29.13 -18.64
CA LEU B 76 -3.91 -27.97 -18.58
C LEU B 76 -3.95 -27.44 -17.15
N ILE B 77 -3.70 -26.13 -17.01
CA ILE B 77 -3.66 -25.47 -15.72
C ILE B 77 -4.73 -24.38 -15.70
N SER B 78 -5.40 -24.25 -14.57
CA SER B 78 -6.36 -23.19 -14.33
C SER B 78 -5.79 -22.28 -13.25
N TYR B 79 -5.55 -21.02 -13.61
CA TYR B 79 -4.90 -20.06 -12.76
CA TYR B 79 -4.92 -20.06 -12.70
C TYR B 79 -5.96 -19.25 -11.99
N HIS B 80 -6.51 -19.81 -10.92
CA HIS B 80 -7.53 -19.15 -10.15
C HIS B 80 -6.84 -18.19 -9.21
N ASP B 81 -7.54 -17.14 -8.84
CA ASP B 81 -7.07 -16.25 -7.80
C ASP B 81 -7.84 -16.55 -6.51
N CYS B 82 -7.27 -16.14 -5.37
CA CYS B 82 -8.02 -16.03 -4.15
C CYS B 82 -8.24 -14.54 -3.89
N CYS B 83 -9.42 -14.22 -3.37
CA CYS B 83 -9.97 -12.86 -3.42
C CYS B 83 -10.56 -12.41 -2.11
N GLY B 84 -10.72 -11.09 -1.96
CA GLY B 84 -11.43 -10.55 -0.85
C GLY B 84 -10.55 -10.22 0.35
N LYS B 85 -9.24 -10.28 0.15
CA LYS B 85 -8.23 -9.77 1.08
C LYS B 85 -7.20 -9.00 0.28
N THR B 86 -6.53 -8.06 0.93
CA THR B 86 -5.55 -7.23 0.27
C THR B 86 -4.27 -8.04 -0.04
N ALA B 87 -3.43 -7.48 -0.90
CA ALA B 87 -2.34 -8.21 -1.51
C ALA B 87 -1.50 -8.99 -0.52
N CYS B 88 -1.28 -10.26 -0.81
CA CYS B 88 -0.44 -11.08 0.05
C CYS B 88 0.98 -10.54 0.09
N GLY B 89 1.51 -10.16 -1.06
CA GLY B 89 2.85 -9.58 -1.12
C GLY B 89 4.04 -10.53 -1.21
N ARG B 90 3.80 -11.83 -1.15
CA ARG B 90 4.87 -12.80 -1.08
C ARG B 90 4.91 -13.66 -2.29
N CYS B 91 6.11 -14.06 -2.66
CA CYS B 91 6.34 -14.92 -3.84
C CYS B 91 5.63 -14.41 -5.10
N GLN B 92 5.98 -13.21 -5.50
CA GLN B 92 5.45 -12.62 -6.71
C GLN B 92 6.11 -13.25 -7.93
N CYS B 93 5.28 -13.72 -8.85
CA CYS B 93 5.73 -14.26 -10.13
C CYS B 93 5.10 -13.49 -11.27
N ASN B 94 5.75 -13.50 -12.42
CA ASN B 94 5.22 -12.90 -13.64
C ASN B 94 5.64 -13.68 -14.86
N THR B 95 5.31 -14.96 -14.84
CA THR B 95 5.66 -15.88 -15.91
C THR B 95 4.57 -15.87 -16.97
N GLN B 96 4.99 -16.08 -18.21
CA GLN B 96 4.14 -15.74 -19.37
C GLN B 96 4.09 -16.81 -20.47
N THR B 97 4.42 -18.05 -20.12
CA THR B 97 4.42 -19.11 -21.13
C THR B 97 3.03 -19.28 -21.76
N ARG B 98 2.95 -19.06 -23.06
CA ARG B 98 1.74 -19.19 -23.86
C ARG B 98 0.62 -18.20 -23.50
N GLU B 99 0.98 -17.18 -22.72
CA GLU B 99 0.03 -16.14 -22.36
C GLU B 99 -0.21 -15.24 -23.57
N ARG B 100 -1.45 -14.82 -23.75
CA ARG B 100 -1.84 -14.03 -24.91
C ARG B 100 -2.65 -12.82 -24.48
N PRO B 101 -2.74 -11.82 -25.34
CA PRO B 101 -3.45 -10.58 -24.96
C PRO B 101 -4.96 -10.74 -24.81
N GLY B 102 -5.62 -9.65 -24.41
CA GLY B 102 -7.03 -9.73 -24.03
C GLY B 102 -8.04 -10.12 -25.09
N TYR B 103 -7.64 -10.04 -26.35
CA TYR B 103 -8.47 -10.57 -27.45
C TYR B 103 -8.46 -12.14 -27.50
N GLU B 104 -7.63 -12.77 -26.68
CA GLU B 104 -7.76 -14.21 -26.36
C GLU B 104 -7.93 -14.28 -24.83
N PHE B 105 -9.08 -13.82 -24.37
CA PHE B 105 -9.20 -13.31 -23.00
C PHE B 105 -8.84 -14.36 -21.94
N PHE B 106 -9.23 -15.61 -22.14
CA PHE B 106 -9.03 -16.59 -21.06
C PHE B 106 -7.62 -17.19 -21.04
N LEU B 107 -6.75 -16.72 -21.94
CA LEU B 107 -5.33 -17.01 -21.89
C LEU B 107 -4.51 -15.84 -21.35
N HIS B 108 -5.19 -14.78 -20.91
CA HIS B 108 -4.58 -13.47 -20.59
C HIS B 108 -4.39 -13.29 -19.09
N ASN B 109 -3.21 -12.84 -18.64
CA ASN B 109 -2.95 -12.76 -17.19
C ASN B 109 -2.64 -11.36 -16.66
N ASP B 110 -2.92 -10.34 -17.46
CA ASP B 110 -2.75 -8.94 -17.02
C ASP B 110 -4.08 -8.35 -16.55
N VAL B 111 -5.09 -9.19 -16.36
CA VAL B 111 -6.33 -8.81 -15.74
C VAL B 111 -6.50 -9.53 -14.41
N ASN B 112 -7.33 -8.98 -13.56
CA ASN B 112 -7.61 -9.50 -12.21
C ASN B 112 -8.71 -10.55 -12.32
N TRP B 113 -8.34 -11.83 -12.18
CA TRP B 113 -9.33 -12.90 -12.31
C TRP B 113 -10.23 -12.99 -11.08
N CYS B 114 -10.03 -12.08 -10.11
CA CYS B 114 -11.03 -11.82 -9.07
C CYS B 114 -12.16 -10.86 -9.49
N MET B 115 -12.18 -10.44 -10.77
CA MET B 115 -13.05 -9.36 -11.24
C MET B 115 -14.55 -9.60 -11.03
N ALA B 116 -14.96 -10.87 -10.97
CA ALA B 116 -16.37 -11.22 -10.80
C ALA B 116 -16.74 -11.75 -9.41
N ASN B 117 -15.78 -11.73 -8.48
CA ASN B 117 -16.05 -12.14 -7.11
C ASN B 117 -16.89 -11.10 -6.36
N GLU B 118 -17.48 -11.55 -5.27
CA GLU B 118 -18.27 -10.67 -4.40
C GLU B 118 -17.41 -9.51 -3.91
N ASN B 119 -16.15 -9.81 -3.59
CA ASN B 119 -15.15 -8.75 -3.42
C ASN B 119 -13.96 -9.00 -4.33
N SER B 120 -13.68 -8.03 -5.19
CA SER B 120 -12.68 -8.19 -6.22
C SER B 120 -11.23 -7.90 -5.79
N THR B 121 -11.01 -7.56 -4.53
CA THR B 121 -9.66 -7.28 -4.09
C THR B 121 -8.79 -8.52 -4.31
N PHE B 122 -7.64 -8.37 -4.97
CA PHE B 122 -6.78 -9.52 -5.31
C PHE B 122 -5.84 -9.88 -4.16
N HIS B 123 -5.83 -11.15 -3.77
CA HIS B 123 -5.00 -11.61 -2.65
C HIS B 123 -3.79 -12.40 -3.07
N CYS B 124 -4.05 -13.49 -3.78
CA CYS B 124 -2.96 -14.31 -4.31
C CYS B 124 -3.49 -15.13 -5.48
N THR B 125 -2.59 -15.81 -6.19
CA THR B 125 -2.95 -16.61 -7.35
C THR B 125 -2.43 -18.03 -7.17
N THR B 126 -2.92 -18.93 -7.99
N THR B 126 -3.35 -18.96 -7.51
CA THR B 126 -2.32 -20.23 -7.98
CA THR B 126 -3.20 -20.41 -7.33
C THR B 126 -2.47 -20.95 -9.31
C THR B 126 -3.02 -21.06 -8.68
N SER B 127 -2.04 -22.20 -9.33
N SER B 127 -2.51 -22.27 -8.69
CA SER B 127 -2.08 -23.00 -10.53
CA SER B 127 -2.20 -22.97 -9.94
C SER B 127 -2.70 -24.38 -10.23
C SER B 127 -2.82 -24.35 -9.92
N VAL B 128 -3.98 -24.50 -10.57
CA VAL B 128 -4.80 -25.70 -10.35
C VAL B 128 -4.68 -26.66 -11.53
N LEU B 129 -4.28 -27.89 -11.25
CA LEU B 129 -4.12 -28.90 -12.29
C LEU B 129 -5.46 -29.44 -12.73
N VAL B 130 -5.77 -29.29 -14.01
CA VAL B 130 -7.06 -29.74 -14.57
C VAL B 130 -6.94 -31.15 -15.14
N GLY B 131 -5.88 -31.38 -15.91
CA GLY B 131 -5.71 -32.68 -16.59
C GLY B 131 -4.66 -32.61 -17.67
N LEU B 132 -4.49 -33.68 -18.42
CA LEU B 132 -3.55 -33.69 -19.54
C LEU B 132 -4.04 -32.72 -20.61
N ALA B 133 -3.09 -32.02 -21.23
CA ALA B 133 -3.42 -31.02 -22.26
C ALA B 133 -4.11 -31.67 -23.44
N ARG C 2 5.01 35.86 11.54
CA ARG C 2 4.35 34.53 11.65
C ARG C 2 4.15 33.94 10.26
N GLU C 3 3.88 32.64 10.22
CA GLU C 3 3.52 31.94 8.99
C GLU C 3 2.18 31.25 9.21
N VAL C 4 1.46 31.00 8.12
CA VAL C 4 0.21 30.25 8.17
C VAL C 4 0.20 29.22 7.07
N LEU C 5 -0.14 27.99 7.42
CA LEU C 5 -0.29 26.95 6.40
C LEU C 5 -1.59 27.18 5.66
N THR C 6 -1.51 27.21 4.33
CA THR C 6 -2.67 27.40 3.47
C THR C 6 -2.80 26.23 2.49
N GLY C 7 -4.05 25.98 2.08
CA GLY C 7 -4.39 25.06 0.98
C GLY C 7 -4.98 25.82 -0.19
N GLY C 8 -5.53 25.11 -1.17
CA GLY C 8 -6.16 25.76 -2.29
C GLY C 8 -5.22 26.08 -3.44
N HIS C 9 -3.98 25.60 -3.35
CA HIS C 9 -2.95 25.95 -4.32
C HIS C 9 -3.00 25.12 -5.59
N SER C 10 -2.50 25.70 -6.66
CA SER C 10 -2.39 25.00 -7.94
C SER C 10 -0.99 24.45 -8.12
N VAL C 11 -0.88 23.50 -9.03
CA VAL C 11 0.41 22.89 -9.38
C VAL C 11 1.37 24.00 -9.78
N SER C 12 2.61 23.87 -9.31
CA SER C 12 3.59 24.99 -9.39
C SER C 12 4.21 25.17 -10.77
N ALA C 13 4.19 24.13 -11.59
CA ALA C 13 4.82 24.17 -12.92
C ALA C 13 3.76 24.23 -13.99
N PRO C 14 4.09 24.80 -15.16
CA PRO C 14 3.09 24.92 -16.23
C PRO C 14 2.64 23.57 -16.73
N GLN C 15 1.42 23.50 -17.27
CA GLN C 15 0.85 22.23 -17.78
C GLN C 15 1.82 21.55 -18.71
N GLU C 16 2.49 22.34 -19.55
CA GLU C 16 3.37 21.83 -20.59
C GLU C 16 4.56 21.07 -20.03
N ASN C 17 4.87 21.25 -18.75
CA ASN C 17 5.98 20.52 -18.14
C ASN C 17 5.56 19.18 -17.50
N ARG C 18 4.26 18.89 -17.47
CA ARG C 18 3.73 17.88 -16.54
C ARG C 18 3.64 16.52 -17.23
N ILE C 19 4.00 15.50 -16.48
CA ILE C 19 3.76 14.09 -16.86
C ILE C 19 3.06 13.36 -15.70
N TYR C 20 2.44 12.22 -16.04
CA TYR C 20 1.54 11.50 -15.14
C TYR C 20 2.01 10.08 -15.11
N VAL C 21 2.52 9.68 -13.95
CA VAL C 21 3.05 8.31 -13.77
C VAL C 21 2.00 7.55 -12.98
N MET C 22 1.36 6.56 -13.61
CA MET C 22 0.29 5.83 -12.96
C MET C 22 0.91 4.74 -12.14
N ASP C 23 0.93 4.93 -10.83
CA ASP C 23 1.57 3.97 -9.92
C ASP C 23 0.53 2.98 -9.43
N SER C 24 0.58 1.75 -9.94
CA SER C 24 -0.38 0.74 -9.50
C SER C 24 -0.18 0.36 -8.07
N VAL C 25 1.04 0.54 -7.56
CA VAL C 25 1.39 0.08 -6.23
C VAL C 25 0.84 -1.32 -6.02
N PHE C 26 1.23 -2.23 -6.90
CA PHE C 26 0.70 -3.59 -6.91
C PHE C 26 0.87 -4.30 -5.54
N MET C 27 1.94 -3.97 -4.82
CA MET C 27 2.14 -4.57 -3.50
C MET C 27 1.03 -4.20 -2.53
N HIS C 28 0.45 -3.01 -2.74
CA HIS C 28 -0.68 -2.50 -1.98
C HIS C 28 -1.65 -1.85 -2.95
N LEU C 29 -2.26 -2.68 -3.76
CA LEU C 29 -3.00 -2.22 -4.93
C LEU C 29 -4.27 -1.42 -4.62
N THR C 30 -4.74 -1.47 -3.37
CA THR C 30 -5.84 -0.56 -2.94
C THR C 30 -5.43 0.88 -2.76
N GLU C 31 -4.14 1.20 -2.83
CA GLU C 31 -3.68 2.58 -2.68
C GLU C 31 -2.86 3.01 -3.91
N SER C 32 -3.32 2.58 -5.08
CA SER C 32 -2.76 3.05 -6.35
C SER C 32 -2.94 4.58 -6.43
N ARG C 33 -2.13 5.25 -7.23
CA ARG C 33 -2.22 6.71 -7.34
C ARG C 33 -1.52 7.15 -8.61
N VAL C 34 -1.80 8.37 -9.04
CA VAL C 34 -1.10 9.03 -10.12
C VAL C 34 -0.13 10.02 -9.51
N HIS C 35 1.14 9.91 -9.89
CA HIS C 35 2.17 10.86 -9.50
C HIS C 35 2.39 11.83 -10.63
N VAL C 36 2.39 13.13 -10.29
CA VAL C 36 2.54 14.15 -11.30
C VAL C 36 3.97 14.69 -11.16
N TYR C 37 4.70 14.68 -12.26
CA TYR C 37 6.09 15.15 -12.27
C TYR C 37 6.30 16.20 -13.32
N ASP C 38 7.32 17.03 -13.11
CA ASP C 38 7.84 17.95 -14.11
C ASP C 38 8.98 17.24 -14.82
N TYR C 39 8.81 16.97 -16.12
CA TYR C 39 9.81 16.19 -16.86
C TYR C 39 11.09 16.99 -17.11
N THR C 40 11.00 18.32 -16.99
CA THR C 40 12.15 19.17 -17.30
C THR C 40 13.21 19.15 -16.22
N ASN C 41 12.83 18.82 -14.99
CA ASN C 41 13.75 18.86 -13.85
C ASN C 41 13.53 17.76 -12.80
N GLY C 42 12.57 16.86 -13.05
CA GLY C 42 12.31 15.77 -12.14
C GLY C 42 11.55 16.07 -10.87
N LYS C 43 11.01 17.27 -10.74
CA LYS C 43 10.35 17.66 -9.51
C LYS C 43 9.00 17.00 -9.41
N PHE C 44 8.70 16.48 -8.23
CA PHE C 44 7.36 15.97 -7.89
C PHE C 44 6.40 17.13 -7.67
N LEU C 45 5.28 17.13 -8.40
CA LEU C 45 4.35 18.24 -8.38
C LEU C 45 3.05 17.99 -7.62
N GLY C 46 2.68 16.73 -7.45
CA GLY C 46 1.48 16.38 -6.73
C GLY C 46 1.01 15.01 -7.13
N MET C 47 -0.19 14.64 -6.70
CA MET C 47 -0.66 13.29 -6.97
C MET C 47 -2.16 13.23 -6.84
N VAL C 48 -2.75 12.20 -7.42
CA VAL C 48 -4.18 11.95 -7.33
C VAL C 48 -4.42 10.53 -6.86
N PRO C 49 -5.09 10.35 -5.69
CA PRO C 49 -5.37 8.98 -5.22
C PRO C 49 -6.38 8.27 -6.09
N THR C 50 -6.13 6.98 -6.37
CA THR C 50 -6.98 6.19 -7.27
C THR C 50 -7.37 4.79 -6.73
N ALA C 51 -7.36 4.61 -5.41
CA ALA C 51 -7.95 3.47 -4.76
C ALA C 51 -7.47 2.15 -5.41
N PHE C 52 -8.36 1.19 -5.67
CA PHE C 52 -7.94 -0.11 -6.14
C PHE C 52 -7.69 -0.08 -7.65
N ASN C 53 -6.44 -0.31 -8.06
CA ASN C 53 -6.12 -0.50 -9.49
C ASN C 53 -6.68 0.63 -10.34
N GLY C 54 -6.32 1.84 -10.00
CA GLY C 54 -6.77 2.98 -10.78
C GLY C 54 -6.19 2.99 -12.18
N HIS C 55 -6.97 3.59 -13.11
CA HIS C 55 -6.50 4.00 -14.42
C HIS C 55 -6.65 5.53 -14.58
N VAL C 56 -5.90 6.14 -15.50
CA VAL C 56 -5.86 7.59 -15.56
C VAL C 56 -5.68 8.05 -16.99
N GLN C 57 -6.23 9.21 -17.31
CA GLN C 57 -5.91 9.89 -18.52
C GLN C 57 -6.15 11.39 -18.24
N VAL C 58 -5.61 12.24 -19.09
CA VAL C 58 -5.85 13.67 -19.00
C VAL C 58 -6.76 14.06 -20.15
N SER C 59 -7.70 14.97 -19.89
CA SER C 59 -8.59 15.40 -20.96
C SER C 59 -7.79 15.98 -22.12
N ASN C 60 -8.29 15.79 -23.33
CA ASN C 60 -7.62 16.27 -24.52
C ASN C 60 -7.40 17.80 -24.49
N ASP C 61 -8.31 18.52 -23.85
CA ASP C 61 -8.16 19.98 -23.69
C ASP C 61 -7.22 20.42 -22.56
N GLY C 62 -6.64 19.45 -21.85
CA GLY C 62 -5.71 19.75 -20.79
C GLY C 62 -6.31 20.26 -19.47
N LYS C 63 -7.63 20.40 -19.37
CA LYS C 63 -8.22 21.05 -18.17
C LYS C 63 -8.52 20.11 -17.01
N LYS C 64 -8.70 18.80 -17.30
CA LYS C 64 -9.17 17.87 -16.29
C LYS C 64 -8.39 16.58 -16.35
N ILE C 65 -8.32 15.91 -15.19
CA ILE C 65 -7.78 14.54 -15.12
C ILE C 65 -8.96 13.61 -14.90
N TYR C 66 -9.00 12.51 -15.65
CA TYR C 66 -10.00 11.50 -15.45
C TYR C 66 -9.35 10.25 -14.82
N THR C 67 -9.97 9.72 -13.78
CA THR C 67 -9.55 8.45 -13.22
C THR C 67 -10.68 7.48 -13.27
N MET C 68 -10.33 6.19 -13.27
CA MET C 68 -11.29 5.12 -13.22
C MET C 68 -10.84 4.15 -12.14
N THR C 69 -11.75 3.76 -11.27
CA THR C 69 -11.37 2.95 -10.14
C THR C 69 -12.56 2.21 -9.58
N THR C 70 -12.28 1.38 -8.57
CA THR C 70 -13.27 0.63 -7.86
C THR C 70 -13.14 0.85 -6.38
N TYR C 71 -14.28 1.12 -5.74
CA TYR C 71 -14.42 1.16 -4.30
C TYR C 71 -15.33 0.06 -3.82
N HIS C 72 -15.17 -0.30 -2.54
CA HIS C 72 -16.19 -1.05 -1.80
C HIS C 72 -16.44 -0.34 -0.49
N GLU C 73 -17.65 -0.53 0.07
CA GLU C 73 -18.01 0.12 1.33
C GLU C 73 -17.01 -0.10 2.43
N ARG C 74 -16.42 -1.30 2.47
CA ARG C 74 -15.44 -1.62 3.49
C ARG C 74 -14.20 -2.23 2.86
N ILE C 75 -13.93 -1.80 1.63
CA ILE C 75 -12.72 -2.13 0.87
C ILE C 75 -12.66 -3.60 0.42
N THR C 76 -12.56 -4.51 1.40
CA THR C 76 -12.50 -5.96 1.14
C THR C 76 -13.87 -6.66 1.37
N ARG C 77 -14.87 -5.89 1.71
CA ARG C 77 -16.25 -6.34 1.78
C ARG C 77 -17.18 -5.15 1.54
N GLY C 78 -18.45 -5.45 1.35
CA GLY C 78 -19.47 -4.46 1.11
C GLY C 78 -19.69 -4.18 -0.37
N LYS C 79 -20.59 -3.26 -0.63
CA LYS C 79 -21.06 -2.98 -1.97
C LYS C 79 -19.98 -2.34 -2.83
N ARG C 80 -19.90 -2.77 -4.07
CA ARG C 80 -18.93 -2.30 -5.06
C ARG C 80 -19.48 -1.08 -5.79
N SER C 81 -18.63 -0.05 -5.92
CA SER C 81 -18.87 1.08 -6.81
C SER C 81 -17.70 1.24 -7.79
N ASP C 82 -17.96 1.00 -9.08
CA ASP C 82 -17.02 1.31 -10.15
C ASP C 82 -17.35 2.72 -10.63
N VAL C 83 -16.33 3.56 -10.80
CA VAL C 83 -16.55 4.95 -11.11
C VAL C 83 -15.51 5.49 -12.08
N VAL C 84 -15.91 6.58 -12.77
CA VAL C 84 -14.99 7.52 -13.33
C VAL C 84 -15.06 8.76 -12.49
N GLU C 85 -13.89 9.32 -12.16
CA GLU C 85 -13.84 10.60 -11.48
C GLU C 85 -13.24 11.63 -12.38
N VAL C 86 -13.76 12.86 -12.26
CA VAL C 86 -13.22 14.01 -12.92
C VAL C 86 -12.58 14.87 -11.86
N TRP C 87 -11.31 15.21 -12.07
CA TRP C 87 -10.50 16.02 -11.19
C TRP C 87 -10.01 17.26 -11.93
N ASP C 88 -9.88 18.39 -11.21
CA ASP C 88 -9.26 19.54 -11.85
C ASP C 88 -7.77 19.29 -12.06
N ALA C 89 -7.26 19.63 -13.23
CA ALA C 89 -5.85 19.36 -13.53
C ALA C 89 -4.92 20.27 -12.79
N ASP C 90 -5.32 21.50 -12.52
CA ASP C 90 -4.42 22.44 -11.90
C ASP C 90 -4.47 22.42 -10.38
N LYS C 91 -5.67 22.23 -9.83
CA LYS C 91 -5.83 22.12 -8.39
C LYS C 91 -5.66 20.71 -7.85
N LEU C 92 -5.71 19.70 -8.72
CA LEU C 92 -5.65 18.28 -8.33
C LEU C 92 -6.69 18.00 -7.26
N THR C 93 -7.91 18.50 -7.50
CA THR C 93 -9.05 18.29 -6.63
C THR C 93 -10.14 17.49 -7.30
N PHE C 94 -10.88 16.72 -6.52
CA PHE C 94 -12.01 15.95 -7.00
C PHE C 94 -13.18 16.90 -7.31
N GLU C 95 -13.80 16.69 -8.46
CA GLU C 95 -15.00 17.44 -8.87
C GLU C 95 -16.28 16.64 -9.02
N LYS C 96 -16.23 15.48 -9.67
CA LYS C 96 -17.42 14.72 -10.01
C LYS C 96 -17.13 13.23 -10.08
N GLU C 97 -18.07 12.44 -9.58
CA GLU C 97 -18.10 10.99 -9.74
C GLU C 97 -19.17 10.62 -10.74
N ILE C 98 -18.82 9.72 -11.65
CA ILE C 98 -19.71 9.19 -12.66
C ILE C 98 -19.83 7.69 -12.41
N SER C 99 -21.04 7.24 -12.11
CA SER C 99 -21.30 5.83 -11.83
C SER C 99 -21.18 4.97 -13.06
N LEU C 100 -20.43 3.88 -12.93
CA LEU C 100 -20.30 2.84 -13.95
C LEU C 100 -20.99 1.55 -13.49
N PRO C 101 -21.39 0.69 -14.46
CA PRO C 101 -21.77 -0.67 -14.08
C PRO C 101 -20.56 -1.41 -13.51
N PRO C 102 -20.79 -2.35 -12.58
CA PRO C 102 -19.69 -2.96 -11.84
C PRO C 102 -18.93 -4.04 -12.61
N LYS C 103 -18.33 -3.61 -13.74
CA LYS C 103 -17.61 -4.46 -14.63
C LYS C 103 -16.50 -3.71 -15.35
N ARG C 104 -16.08 -2.55 -14.84
CA ARG C 104 -14.92 -1.90 -15.45
C ARG C 104 -13.69 -2.80 -15.37
N VAL C 105 -12.83 -2.71 -16.36
CA VAL C 105 -11.69 -3.63 -16.41
C VAL C 105 -10.78 -3.35 -15.20
N GLN C 106 -10.47 -4.42 -14.49
CA GLN C 106 -9.42 -4.44 -13.51
C GLN C 106 -8.24 -5.16 -14.10
N GLY C 107 -7.16 -4.42 -14.28
CA GLY C 107 -6.00 -4.94 -14.95
C GLY C 107 -4.89 -3.92 -15.05
N LEU C 108 -3.76 -4.36 -15.59
CA LEU C 108 -2.59 -3.50 -15.76
C LEU C 108 -2.87 -2.35 -16.75
N ASN C 109 -2.12 -1.27 -16.57
CA ASN C 109 -2.43 0.01 -17.20
C ASN C 109 -1.95 0.18 -18.64
N TYR C 110 -2.48 -0.65 -19.53
CA TYR C 110 -2.34 -0.40 -20.93
C TYR C 110 -3.16 0.85 -21.30
N ASP C 111 -2.64 1.68 -22.18
CA ASP C 111 -3.36 2.91 -22.60
C ASP C 111 -4.78 2.60 -23.07
N GLY C 112 -4.92 1.55 -23.85
CA GLY C 112 -6.17 1.26 -24.55
C GLY C 112 -7.33 0.82 -23.68
N LEU C 113 -7.12 0.61 -22.40
CA LEU C 113 -8.22 0.26 -21.51
C LEU C 113 -9.08 1.49 -21.01
N PHE C 114 -8.57 2.72 -21.20
CA PHE C 114 -9.24 3.94 -20.67
C PHE C 114 -8.80 5.06 -21.55
N ARG C 115 -9.66 5.43 -22.51
CA ARG C 115 -9.34 6.40 -23.55
C ARG C 115 -10.48 7.44 -23.67
N GLN C 116 -10.40 8.30 -24.67
CA GLN C 116 -11.46 9.26 -24.96
C GLN C 116 -11.53 9.51 -26.44
N THR C 117 -12.67 9.99 -26.91
CA THR C 117 -12.80 10.41 -28.30
C THR C 117 -11.88 11.57 -28.61
N THR C 118 -11.52 11.73 -29.89
CA THR C 118 -10.64 12.82 -30.27
C THR C 118 -11.19 14.18 -29.85
N ASP C 119 -12.50 14.37 -29.96
CA ASP C 119 -13.11 15.63 -29.58
C ASP C 119 -13.20 15.86 -28.07
N GLY C 120 -12.82 14.85 -27.31
CA GLY C 120 -12.81 14.94 -25.86
C GLY C 120 -14.17 14.85 -25.19
N LYS C 121 -15.24 14.69 -25.97
CA LYS C 121 -16.57 14.72 -25.37
C LYS C 121 -16.98 13.42 -24.67
N PHE C 122 -16.36 12.31 -25.04
CA PHE C 122 -16.71 11.01 -24.46
C PHE C 122 -15.48 10.24 -24.01
N ILE C 123 -15.62 9.65 -22.83
CA ILE C 123 -14.66 8.68 -22.29
C ILE C 123 -15.08 7.31 -22.80
N VAL C 124 -14.11 6.52 -23.20
CA VAL C 124 -14.34 5.22 -23.83
C VAL C 124 -13.49 4.21 -23.08
N LEU C 125 -14.13 3.29 -22.38
CA LEU C 125 -13.43 2.42 -21.42
C LEU C 125 -13.76 0.95 -21.68
N GLN C 126 -12.84 0.08 -21.31
CA GLN C 126 -13.03 -1.35 -21.48
C GLN C 126 -13.73 -1.96 -20.23
N ASN C 127 -14.75 -2.78 -20.46
CA ASN C 127 -15.43 -3.56 -19.44
C ASN C 127 -15.05 -5.04 -19.61
N ALA C 128 -15.07 -5.75 -18.49
CA ALA C 128 -14.88 -7.23 -18.47
C ALA C 128 -15.67 -7.77 -17.26
N SER C 129 -16.66 -8.62 -17.52
CA SER C 129 -17.50 -9.18 -16.44
C SER C 129 -17.41 -10.70 -16.10
N PRO C 130 -16.80 -11.58 -16.93
CA PRO C 130 -15.63 -11.32 -17.76
C PRO C 130 -15.98 -11.11 -19.24
N ALA C 131 -17.28 -11.16 -19.59
CA ALA C 131 -17.68 -10.84 -20.95
C ALA C 131 -17.24 -9.44 -21.24
N THR C 132 -16.75 -9.18 -22.45
CA THR C 132 -16.20 -7.86 -22.73
C THR C 132 -17.19 -6.98 -23.48
N SER C 133 -17.15 -5.69 -23.17
CA SER C 133 -17.88 -4.67 -23.90
C SER C 133 -17.17 -3.36 -23.68
N ILE C 134 -17.53 -2.35 -24.45
CA ILE C 134 -16.93 -1.02 -24.30
C ILE C 134 -17.96 -0.07 -23.73
N GLY C 135 -17.59 0.66 -22.68
CA GLY C 135 -18.48 1.60 -22.05
C GLY C 135 -18.19 3.02 -22.46
N ILE C 136 -19.26 3.81 -22.62
CA ILE C 136 -19.15 5.19 -23.07
C ILE C 136 -19.71 6.09 -22.01
N VAL C 137 -18.90 7.07 -21.63
CA VAL C 137 -19.26 8.06 -20.66
C VAL C 137 -19.29 9.44 -21.32
N ASP C 138 -20.41 10.13 -21.12
CA ASP C 138 -20.60 11.51 -21.56
C ASP C 138 -20.06 12.43 -20.48
N VAL C 139 -18.97 13.11 -20.79
CA VAL C 139 -18.26 13.88 -19.78
C VAL C 139 -19.11 15.05 -19.31
N ALA C 140 -19.70 15.76 -20.26
CA ALA C 140 -20.54 16.94 -19.93
C ALA C 140 -21.73 16.53 -19.06
N LYS C 141 -22.41 15.45 -19.43
CA LYS C 141 -23.57 15.01 -18.68
C LYS C 141 -23.21 14.27 -17.39
N GLY C 142 -21.96 13.80 -17.29
CA GLY C 142 -21.53 13.04 -16.11
C GLY C 142 -22.26 11.70 -15.99
N ASP C 143 -22.50 11.08 -17.14
CA ASP C 143 -23.33 9.87 -17.23
C ASP C 143 -22.70 8.79 -18.10
N TYR C 144 -22.93 7.55 -17.72
CA TYR C 144 -22.65 6.39 -18.55
C TYR C 144 -23.84 6.23 -19.52
N VAL C 145 -23.57 6.34 -20.80
CA VAL C 145 -24.64 6.51 -21.81
C VAL C 145 -24.78 5.38 -22.83
N GLU C 146 -23.77 4.53 -22.97
CA GLU C 146 -23.78 3.46 -23.95
C GLU C 146 -22.91 2.29 -23.53
N ASP C 147 -23.32 1.10 -23.95
CA ASP C 147 -22.58 -0.11 -23.69
C ASP C 147 -22.49 -0.84 -25.00
N VAL C 148 -21.30 -0.88 -25.56
CA VAL C 148 -21.12 -1.39 -26.90
C VAL C 148 -20.90 -2.91 -26.82
N THR C 149 -22.01 -3.64 -26.82
CA THR C 149 -21.96 -5.09 -26.83
C THR C 149 -21.48 -5.67 -28.16
N ALA C 150 -21.51 -4.88 -29.24
CA ALA C 150 -20.90 -5.31 -30.51
C ALA C 150 -19.43 -5.69 -30.37
N ALA C 151 -18.78 -5.16 -29.33
CA ALA C 151 -17.37 -5.39 -29.09
C ALA C 151 -17.09 -6.64 -28.24
N ALA C 152 -18.09 -7.46 -27.97
CA ALA C 152 -17.85 -8.70 -27.25
C ALA C 152 -16.81 -9.54 -27.96
N GLY C 153 -15.86 -10.08 -27.21
CA GLY C 153 -14.76 -10.85 -27.76
C GLY C 153 -13.62 -10.01 -28.32
N CYS C 154 -13.72 -8.69 -28.18
CA CYS C 154 -12.64 -7.78 -28.57
C CYS C 154 -12.01 -7.15 -27.33
N TRP C 155 -10.96 -6.40 -27.55
CA TRP C 155 -10.21 -5.86 -26.43
C TRP C 155 -9.45 -4.58 -26.80
N SER C 156 -9.65 -3.56 -25.97
CA SER C 156 -8.91 -2.30 -25.95
C SER C 156 -9.45 -1.31 -26.99
N VAL C 157 -9.15 -0.03 -26.75
CA VAL C 157 -9.73 1.06 -27.49
C VAL C 157 -8.60 1.85 -28.15
N ILE C 158 -8.69 2.03 -29.46
CA ILE C 158 -7.69 2.80 -30.23
C ILE C 158 -8.45 3.95 -30.89
N PRO C 159 -8.37 5.16 -30.31
CA PRO C 159 -9.11 6.25 -30.93
C PRO C 159 -8.58 6.58 -32.31
N GLN C 160 -9.45 7.01 -33.20
CA GLN C 160 -9.02 7.53 -34.51
C GLN C 160 -8.78 9.04 -34.44
N PRO C 161 -7.50 9.49 -34.55
CA PRO C 161 -7.28 10.93 -34.41
C PRO C 161 -7.81 11.87 -35.50
N ASN C 162 -8.29 11.29 -36.60
CA ASN C 162 -8.79 12.05 -37.74
C ASN C 162 -10.32 12.14 -37.76
N ARG C 163 -10.96 11.61 -36.73
CA ARG C 163 -12.42 11.70 -36.59
C ARG C 163 -12.79 12.06 -35.16
N PRO C 164 -13.90 12.79 -34.98
CA PRO C 164 -14.24 13.31 -33.69
C PRO C 164 -14.64 12.28 -32.61
N ARG C 165 -15.32 11.20 -33.00
CA ARG C 165 -15.88 10.27 -32.01
C ARG C 165 -15.84 8.85 -32.51
N SER C 166 -14.71 8.50 -33.10
CA SER C 166 -14.50 7.17 -33.65
C SER C 166 -13.33 6.48 -32.97
N PHE C 167 -13.43 5.17 -32.85
CA PHE C 167 -12.38 4.36 -32.27
C PHE C 167 -12.48 2.95 -32.78
N MET C 168 -11.39 2.22 -32.64
CA MET C 168 -11.33 0.80 -33.03
C MET C 168 -11.00 -0.11 -31.86
N THR C 169 -11.30 -1.39 -32.00
CA THR C 169 -10.91 -2.36 -31.01
C THR C 169 -10.46 -3.62 -31.74
N ILE C 170 -9.60 -4.39 -31.10
CA ILE C 170 -8.99 -5.58 -31.67
C ILE C 170 -9.83 -6.78 -31.31
N CYS C 171 -10.26 -7.56 -32.30
CA CYS C 171 -11.19 -8.63 -32.03
C CYS C 171 -10.57 -10.04 -32.19
N GLY C 172 -11.27 -11.01 -31.64
CA GLY C 172 -10.77 -12.39 -31.59
C GLY C 172 -10.62 -13.06 -32.94
N ASP C 173 -11.19 -12.45 -33.97
CA ASP C 173 -11.01 -12.92 -35.35
C ASP C 173 -9.72 -12.39 -35.98
N GLY C 174 -8.99 -11.55 -35.24
CA GLY C 174 -7.76 -10.95 -35.78
C GLY C 174 -8.01 -9.72 -36.65
N GLY C 175 -9.25 -9.24 -36.63
CA GLY C 175 -9.61 -8.02 -37.30
C GLY C 175 -9.92 -6.90 -36.31
N LEU C 176 -10.33 -5.78 -36.85
CA LEU C 176 -10.69 -4.60 -36.08
C LEU C 176 -12.14 -4.21 -36.26
N LEU C 177 -12.79 -3.86 -35.15
CA LEU C 177 -14.13 -3.31 -35.15
C LEU C 177 -14.00 -1.82 -34.93
N THR C 178 -14.53 -1.05 -35.88
CA THR C 178 -14.65 0.40 -35.74
C THR C 178 -16.03 0.79 -35.28
N ILE C 179 -16.07 1.68 -34.30
CA ILE C 179 -17.29 2.24 -33.75
C ILE C 179 -17.23 3.73 -33.93
N ASN C 180 -18.29 4.28 -34.53
CA ASN C 180 -18.46 5.70 -34.66
C ASN C 180 -19.61 6.12 -33.79
N LEU C 181 -19.34 6.95 -32.80
CA LEU C 181 -20.39 7.40 -31.88
C LEU C 181 -21.09 8.64 -32.43
N GLY C 182 -22.37 8.74 -32.13
CA GLY C 182 -23.11 9.94 -32.41
C GLY C 182 -22.83 10.99 -31.38
N GLU C 183 -23.42 12.15 -31.58
CA GLU C 183 -23.16 13.28 -30.71
C GLU C 183 -23.81 13.06 -29.33
N ASP C 184 -24.66 12.03 -29.22
CA ASP C 184 -25.25 11.59 -27.96
C ASP C 184 -24.44 10.54 -27.23
N GLY C 185 -23.35 10.07 -27.85
CA GLY C 185 -22.52 8.98 -27.31
C GLY C 185 -23.01 7.56 -27.57
N LYS C 186 -24.14 7.43 -28.25
CA LYS C 186 -24.65 6.11 -28.65
C LYS C 186 -24.03 5.73 -29.97
N VAL C 187 -23.94 4.43 -30.25
CA VAL C 187 -23.32 4.00 -31.47
C VAL C 187 -24.12 4.58 -32.65
N ALA C 188 -23.44 5.25 -33.56
CA ALA C 188 -24.07 5.80 -34.77
C ALA C 188 -23.87 4.90 -35.97
N SER C 189 -22.73 4.23 -36.02
CA SER C 189 -22.44 3.20 -37.02
C SER C 189 -21.21 2.42 -36.61
N GLN C 190 -20.97 1.33 -37.33
CA GLN C 190 -19.85 0.44 -37.07
C GLN C 190 -19.44 -0.25 -38.34
N SER C 191 -18.21 -0.73 -38.34
CA SER C 191 -17.71 -1.58 -39.42
C SER C 191 -16.63 -2.53 -38.90
N ARG C 192 -16.44 -3.62 -39.65
CA ARG C 192 -15.51 -4.66 -39.28
C ARG C 192 -14.53 -4.79 -40.43
N SER C 193 -13.22 -4.80 -40.14
CA SER C 193 -12.19 -4.98 -41.17
C SER C 193 -12.08 -6.42 -41.56
N LYS C 194 -11.35 -6.67 -42.63
CA LYS C 194 -10.88 -8.00 -42.95
C LYS C 194 -9.84 -8.41 -41.88
N GLN C 195 -9.49 -9.68 -41.84
CA GLN C 195 -8.51 -10.15 -40.87
C GLN C 195 -7.17 -9.50 -41.11
N MET C 196 -6.59 -8.93 -40.06
CA MET C 196 -5.29 -8.29 -40.14
C MET C 196 -4.15 -9.24 -39.78
N PHE C 197 -4.31 -9.98 -38.68
CA PHE C 197 -3.27 -10.92 -38.20
C PHE C 197 -3.88 -12.25 -37.77
N SER C 198 -3.06 -13.29 -37.79
CA SER C 198 -3.45 -14.56 -37.24
C SER C 198 -3.28 -14.57 -35.72
N VAL C 199 -4.41 -14.65 -35.02
CA VAL C 199 -4.42 -14.73 -33.57
C VAL C 199 -3.54 -15.85 -33.06
N LYS C 200 -3.61 -17.01 -33.71
CA LYS C 200 -2.83 -18.16 -33.25
C LYS C 200 -1.36 -18.11 -33.67
N ASP C 201 -1.10 -17.73 -34.91
CA ASP C 201 0.24 -17.85 -35.51
C ASP C 201 1.14 -16.62 -35.29
N ASP C 202 0.55 -15.43 -35.12
CA ASP C 202 1.36 -14.22 -35.02
C ASP C 202 0.61 -13.14 -34.19
N PRO C 203 0.40 -13.44 -32.91
CA PRO C 203 -0.37 -12.50 -32.12
C PRO C 203 0.33 -11.16 -32.04
N ILE C 204 -0.46 -10.10 -32.14
CA ILE C 204 0.05 -8.74 -31.95
C ILE C 204 -0.07 -8.30 -30.51
N PHE C 205 0.87 -7.47 -30.11
CA PHE C 205 0.70 -6.63 -28.92
C PHE C 205 -0.43 -5.63 -29.16
N ILE C 206 -1.24 -5.36 -28.15
CA ILE C 206 -2.38 -4.45 -28.32
C ILE C 206 -1.99 -2.97 -28.45
N ALA C 207 -0.80 -2.63 -27.99
CA ALA C 207 -0.37 -1.22 -27.96
C ALA C 207 -0.16 -0.65 -29.38
N PRO C 208 -0.96 0.37 -29.80
CA PRO C 208 -0.74 0.90 -31.16
C PRO C 208 0.40 1.93 -31.23
N ALA C 209 1.06 1.95 -32.38
CA ALA C 209 1.90 3.05 -32.79
C ALA C 209 1.00 3.92 -33.68
N LEU C 210 0.45 4.99 -33.09
CA LEU C 210 -0.74 5.63 -33.66
C LEU C 210 -0.39 6.89 -34.41
N ASP C 211 -0.72 6.90 -35.70
CA ASP C 211 -0.62 8.09 -36.53
C ASP C 211 -2.00 8.80 -36.59
N LYS C 212 -2.07 9.90 -37.32
CA LYS C 212 -3.35 10.61 -37.42
C LYS C 212 -4.42 9.77 -38.14
N ASP C 213 -4.00 8.95 -39.12
CA ASP C 213 -4.94 8.24 -39.99
C ASP C 213 -4.60 6.76 -40.20
N LYS C 214 -3.68 6.25 -39.38
CA LYS C 214 -3.34 4.85 -39.40
C LYS C 214 -2.67 4.45 -38.09
N ALA C 215 -2.67 3.16 -37.84
CA ALA C 215 -2.05 2.58 -36.64
C ALA C 215 -1.23 1.38 -37.04
N HIS C 216 -0.06 1.26 -36.44
CA HIS C 216 0.81 0.11 -36.62
C HIS C 216 0.86 -0.71 -35.34
N PHE C 217 1.01 -2.02 -35.51
CA PHE C 217 1.05 -2.93 -34.37
C PHE C 217 2.23 -3.87 -34.58
N VAL C 218 2.92 -4.21 -33.49
CA VAL C 218 4.00 -5.20 -33.56
C VAL C 218 3.53 -6.52 -32.99
N SER C 219 4.17 -7.59 -33.46
CA SER C 219 3.79 -8.95 -33.05
C SER C 219 4.82 -9.59 -32.15
N TYR C 220 4.37 -10.68 -31.50
CA TYR C 220 5.24 -11.47 -30.61
C TYR C 220 6.51 -11.91 -31.31
N TYR C 221 6.46 -12.06 -32.64
CA TYR C 221 7.59 -12.59 -33.43
C TYR C 221 8.30 -11.51 -34.21
N GLY C 222 7.98 -10.23 -33.95
CA GLY C 222 8.71 -9.15 -34.54
C GLY C 222 8.21 -8.67 -35.87
N ASN C 223 6.96 -8.96 -36.19
CA ASN C 223 6.35 -8.48 -37.43
C ASN C 223 5.55 -7.23 -37.16
N VAL C 224 5.17 -6.53 -38.23
CA VAL C 224 4.44 -5.27 -38.11
C VAL C 224 3.23 -5.35 -38.99
N TYR C 225 2.09 -4.98 -38.43
CA TYR C 225 0.81 -4.90 -39.13
C TYR C 225 0.28 -3.49 -39.10
N SER C 226 -0.56 -3.15 -40.06
CA SER C 226 -1.07 -1.79 -40.08
C SER C 226 -2.56 -1.73 -40.38
N ALA C 227 -3.20 -0.71 -39.84
CA ALA C 227 -4.61 -0.44 -40.07
C ALA C 227 -4.71 1.01 -40.51
N ASP C 228 -5.11 1.20 -41.77
CA ASP C 228 -5.24 2.50 -42.34
C ASP C 228 -6.71 2.93 -42.28
N PHE C 229 -6.98 4.02 -41.59
CA PHE C 229 -8.36 4.48 -41.43
C PHE C 229 -8.53 5.87 -42.01
N SER C 230 -7.83 6.13 -43.11
CA SER C 230 -8.02 7.37 -43.85
C SER C 230 -9.42 7.41 -44.49
N GLY C 231 -10.00 6.23 -44.75
CA GLY C 231 -11.43 6.14 -45.17
C GLY C 231 -12.35 5.53 -44.12
N ASP C 232 -13.64 5.41 -44.47
CA ASP C 232 -14.65 4.86 -43.56
C ASP C 232 -14.43 3.39 -43.29
N GLU C 233 -13.92 2.67 -44.28
CA GLU C 233 -13.54 1.28 -44.09
C GLU C 233 -12.04 1.21 -43.82
N VAL C 234 -11.70 0.55 -42.73
CA VAL C 234 -10.31 0.36 -42.35
C VAL C 234 -9.68 -0.67 -43.27
N LYS C 235 -8.52 -0.34 -43.81
CA LYS C 235 -7.75 -1.25 -44.67
C LYS C 235 -6.56 -1.76 -43.88
N VAL C 236 -6.35 -3.07 -43.91
CA VAL C 236 -5.35 -3.70 -43.05
C VAL C 236 -4.28 -4.36 -43.92
N ASP C 237 -3.06 -4.42 -43.40
CA ASP C 237 -1.95 -5.00 -44.16
C ASP C 237 -0.88 -5.53 -43.20
N GLY C 238 0.09 -6.24 -43.77
CA GLY C 238 1.16 -6.85 -43.00
C GLY C 238 1.09 -8.36 -43.12
N PRO C 239 2.17 -9.05 -42.73
CA PRO C 239 3.24 -8.47 -41.94
C PRO C 239 4.43 -7.97 -42.78
N TRP C 240 5.16 -6.98 -42.26
CA TRP C 240 6.59 -6.82 -42.57
C TRP C 240 7.40 -7.06 -41.31
N SER C 241 8.62 -7.57 -41.46
CA SER C 241 9.45 -7.88 -40.29
C SER C 241 10.28 -6.69 -39.84
N LEU C 242 10.33 -6.48 -38.52
CA LEU C 242 11.29 -5.57 -37.90
C LEU C 242 12.72 -6.06 -38.03
N LEU C 243 12.88 -7.35 -38.36
CA LEU C 243 14.15 -8.06 -38.24
C LEU C 243 14.85 -8.24 -39.58
N ASN C 244 16.17 -8.04 -39.58
CA ASN C 244 17.01 -8.45 -40.69
C ASN C 244 17.61 -9.81 -40.35
N ASP C 245 18.45 -10.34 -41.22
CA ASP C 245 18.99 -11.69 -41.00
C ASP C 245 19.84 -11.81 -39.75
N GLU C 246 20.66 -10.79 -39.48
CA GLU C 246 21.52 -10.76 -38.31
C GLU C 246 20.67 -10.75 -37.05
N ASP C 247 19.61 -9.95 -37.08
CA ASP C 247 18.69 -9.86 -35.95
C ASP C 247 18.06 -11.20 -35.65
N LYS C 248 17.63 -11.89 -36.71
CA LYS C 248 17.02 -13.23 -36.60
C LYS C 248 17.98 -14.26 -35.95
N ALA C 249 19.25 -14.16 -36.28
CA ALA C 249 20.26 -15.08 -35.73
C ALA C 249 20.38 -15.01 -34.19
N LYS C 250 20.03 -13.87 -33.61
CA LYS C 250 20.08 -13.70 -32.17
C LYS C 250 18.67 -13.66 -31.55
N ASN C 251 17.65 -14.02 -32.34
CA ASN C 251 16.27 -14.18 -31.84
C ASN C 251 15.71 -12.90 -31.20
N TRP C 252 16.05 -11.77 -31.77
CA TRP C 252 15.45 -10.51 -31.32
C TRP C 252 13.94 -10.50 -31.55
N VAL C 253 13.19 -10.07 -30.52
CA VAL C 253 11.74 -9.91 -30.59
C VAL C 253 11.34 -8.73 -29.71
N PRO C 254 10.11 -8.21 -29.91
CA PRO C 254 9.63 -7.14 -29.02
C PRO C 254 9.26 -7.66 -27.67
N GLY C 255 9.26 -6.79 -26.68
CA GLY C 255 8.76 -7.15 -25.37
C GLY C 255 8.43 -5.91 -24.60
N GLY C 256 7.41 -6.00 -23.76
CA GLY C 256 7.02 -4.90 -22.89
C GLY C 256 5.52 -4.83 -22.78
N TYR C 257 5.03 -3.66 -22.35
CA TYR C 257 3.62 -3.43 -22.12
C TYR C 257 3.12 -2.34 -23.05
N ASN C 258 3.25 -1.04 -22.65
CA ASN C 258 2.98 0.00 -23.60
C ASN C 258 4.27 0.22 -24.41
N LEU C 259 4.54 -0.73 -25.31
CA LEU C 259 5.93 -0.96 -25.79
C LEU C 259 6.34 -0.26 -27.08
N VAL C 260 5.40 0.44 -27.73
CA VAL C 260 5.66 1.12 -29.00
C VAL C 260 5.22 2.60 -28.97
N GLY C 261 5.68 3.34 -29.95
CA GLY C 261 5.33 4.75 -30.10
C GLY C 261 5.61 5.17 -31.52
N LEU C 262 4.93 6.21 -31.96
CA LEU C 262 5.13 6.74 -33.28
C LEU C 262 5.41 8.24 -33.17
N HIS C 263 6.44 8.68 -33.86
CA HIS C 263 6.67 10.10 -34.07
C HIS C 263 6.05 10.47 -35.43
N ARG C 264 4.91 11.16 -35.38
CA ARG C 264 4.09 11.33 -36.54
C ARG C 264 4.74 12.14 -37.64
N ALA C 265 5.49 13.18 -37.29
CA ALA C 265 6.12 14.04 -38.33
C ALA C 265 7.11 13.28 -39.22
N SER C 266 7.81 12.29 -38.65
CA SER C 266 8.88 11.57 -39.37
C SER C 266 8.43 10.19 -39.83
N GLY C 267 7.41 9.64 -39.17
CA GLY C 267 7.02 8.24 -39.40
C GLY C 267 7.90 7.24 -38.64
N ARG C 268 8.74 7.73 -37.74
CA ARG C 268 9.60 6.83 -36.93
C ARG C 268 8.78 6.10 -35.89
N MET C 269 8.93 4.78 -35.86
CA MET C 269 8.30 3.97 -34.84
C MET C 269 9.37 3.45 -33.89
N TYR C 270 9.04 3.49 -32.62
CA TYR C 270 9.93 3.16 -31.50
C TYR C 270 9.37 1.87 -30.89
N VAL C 271 10.25 0.87 -30.70
CA VAL C 271 9.84 -0.47 -30.19
C VAL C 271 10.89 -1.00 -29.20
N PHE C 272 10.43 -1.50 -28.06
CA PHE C 272 11.32 -2.17 -27.11
C PHE C 272 11.60 -3.59 -27.57
N MET C 273 12.89 -3.95 -27.58
CA MET C 273 13.33 -5.22 -28.14
C MET C 273 14.27 -5.91 -27.19
N HIS C 274 14.31 -7.24 -27.23
CA HIS C 274 15.30 -7.98 -26.46
C HIS C 274 15.76 -9.20 -27.31
N PRO C 275 17.01 -9.64 -27.08
CA PRO C 275 17.51 -10.85 -27.77
C PRO C 275 17.02 -12.12 -27.09
N ASP C 276 17.33 -13.26 -27.71
CA ASP C 276 17.02 -14.57 -27.13
C ASP C 276 15.54 -14.74 -26.83
N GLY C 277 14.72 -14.26 -27.76
CA GLY C 277 13.29 -14.36 -27.66
C GLY C 277 12.84 -15.79 -27.81
N LYS C 278 11.82 -16.15 -27.06
CA LYS C 278 11.18 -17.45 -27.18
C LYS C 278 9.85 -17.34 -26.47
N GLU C 279 9.06 -18.40 -26.53
CA GLU C 279 7.78 -18.42 -25.86
C GLU C 279 7.91 -18.01 -24.40
N GLY C 280 7.14 -16.98 -24.05
CA GLY C 280 7.10 -16.49 -22.71
C GLY C 280 7.93 -15.25 -22.43
N THR C 281 8.59 -14.67 -23.44
CA THR C 281 9.45 -13.49 -23.22
C THR C 281 8.81 -12.17 -23.67
N HIS C 282 7.51 -12.17 -23.99
CA HIS C 282 6.87 -11.02 -24.62
C HIS C 282 6.71 -9.83 -23.67
N LYS C 283 6.91 -10.04 -22.37
CA LYS C 283 6.85 -8.93 -21.44
C LYS C 283 8.21 -8.64 -20.79
N PHE C 284 9.29 -9.15 -21.38
CA PHE C 284 10.64 -8.87 -20.90
C PHE C 284 11.02 -7.41 -21.07
N PRO C 285 11.82 -6.87 -20.12
CA PRO C 285 12.32 -5.52 -20.28
C PRO C 285 13.17 -5.34 -21.53
N ALA C 286 13.25 -4.10 -21.98
CA ALA C 286 13.98 -3.78 -23.22
C ALA C 286 15.48 -3.91 -23.01
N ALA C 287 16.14 -4.70 -23.84
CA ALA C 287 17.61 -4.60 -24.00
C ALA C 287 17.97 -3.37 -24.85
N GLU C 288 17.12 -3.08 -25.84
CA GLU C 288 17.32 -1.96 -26.73
C GLU C 288 16.00 -1.34 -27.10
N ILE C 289 16.07 -0.07 -27.50
CA ILE C 289 14.99 0.55 -28.25
C ILE C 289 15.40 0.63 -29.69
N TRP C 290 14.58 0.09 -30.59
CA TRP C 290 14.79 0.23 -32.00
C TRP C 290 13.96 1.33 -32.58
N VAL C 291 14.55 2.02 -33.57
CA VAL C 291 13.91 3.13 -34.25
C VAL C 291 13.74 2.72 -35.68
N MET C 292 12.49 2.59 -36.10
CA MET C 292 12.12 2.05 -37.41
C MET C 292 11.56 3.14 -38.28
N ASP C 293 11.98 3.17 -39.55
CA ASP C 293 11.38 4.04 -40.53
C ASP C 293 10.20 3.29 -41.15
N THR C 294 8.98 3.71 -40.82
CA THR C 294 7.81 2.98 -41.26
C THR C 294 7.53 3.13 -42.74
N LYS C 295 8.13 4.11 -43.39
CA LYS C 295 8.01 4.27 -44.84
C LYS C 295 8.89 3.25 -45.57
N THR C 296 10.16 3.16 -45.16
CA THR C 296 11.09 2.27 -45.81
C THR C 296 11.04 0.85 -45.24
N LYS C 297 10.40 0.71 -44.07
CA LYS C 297 10.28 -0.59 -43.38
C LYS C 297 11.64 -1.15 -42.97
N GLN C 298 12.52 -0.25 -42.53
CA GLN C 298 13.88 -0.60 -42.14
C GLN C 298 14.24 0.11 -40.86
N ARG C 299 15.07 -0.53 -40.05
CA ARG C 299 15.58 0.12 -38.84
C ARG C 299 16.57 1.19 -39.22
N VAL C 300 16.51 2.33 -38.51
CA VAL C 300 17.51 3.40 -38.68
C VAL C 300 18.44 3.58 -37.50
N ALA C 301 18.02 3.18 -36.31
CA ALA C 301 18.86 3.30 -35.13
C ALA C 301 18.46 2.32 -34.05
N ARG C 302 19.38 2.07 -33.13
CA ARG C 302 19.15 1.23 -31.96
C ARG C 302 19.95 1.83 -30.82
N ILE C 303 19.34 1.88 -29.63
CA ILE C 303 20.01 2.38 -28.44
C ILE C 303 19.70 1.51 -27.24
N PRO C 304 20.51 1.64 -26.15
CA PRO C 304 20.23 0.88 -24.95
C PRO C 304 18.84 1.12 -24.40
N GLY C 305 18.19 0.03 -23.97
CA GLY C 305 16.80 0.10 -23.51
C GLY C 305 16.60 0.47 -22.06
N ARG C 306 17.66 0.41 -21.26
CA ARG C 306 17.58 0.73 -19.83
C ARG C 306 16.48 -0.07 -19.12
N ASP C 307 16.30 -1.31 -19.53
CA ASP C 307 15.29 -2.21 -18.92
C ASP C 307 13.87 -1.63 -18.94
N ALA C 308 13.56 -0.84 -19.96
CA ALA C 308 12.25 -0.23 -20.01
C ALA C 308 11.17 -1.21 -20.43
N LEU C 309 9.96 -0.93 -19.97
CA LEU C 309 8.80 -1.78 -20.25
C LEU C 309 7.71 -1.01 -21.02
N SER C 310 7.56 0.29 -20.70
CA SER C 310 6.53 1.12 -21.29
C SER C 310 7.08 2.47 -21.73
N MET C 311 6.41 3.07 -22.71
CA MET C 311 6.81 4.37 -23.25
C MET C 311 5.61 5.25 -23.56
N THR C 312 5.88 6.52 -23.83
CA THR C 312 4.89 7.42 -24.44
C THR C 312 5.64 8.51 -25.24
N ILE C 313 4.97 9.07 -26.26
CA ILE C 313 5.59 10.05 -27.11
C ILE C 313 4.83 11.38 -26.99
N ASP C 314 5.57 12.48 -26.93
CA ASP C 314 4.99 13.80 -27.13
C ASP C 314 5.38 14.31 -28.50
N GLN C 315 4.39 14.51 -29.35
CA GLN C 315 4.66 14.97 -30.73
C GLN C 315 5.25 16.37 -30.76
N GLN C 316 4.60 17.29 -30.07
CA GLN C 316 4.98 18.69 -30.27
C GLN C 316 6.33 19.12 -29.71
N ARG C 317 6.82 18.43 -28.66
CA ARG C 317 8.12 18.73 -28.10
C ARG C 317 9.16 17.68 -28.54
N ASN C 318 8.70 16.70 -29.33
CA ASN C 318 9.60 15.68 -29.86
C ASN C 318 10.32 14.94 -28.74
N LEU C 319 9.53 14.38 -27.83
CA LEU C 319 10.05 13.66 -26.68
C LEU C 319 9.49 12.26 -26.63
N MET C 320 10.30 11.37 -26.06
CA MET C 320 9.85 10.03 -25.69
C MET C 320 10.20 9.82 -24.23
N LEU C 321 9.24 9.38 -23.43
CA LEU C 321 9.50 8.86 -22.09
C LEU C 321 9.55 7.35 -22.12
N THR C 322 10.44 6.76 -21.33
CA THR C 322 10.40 5.30 -21.11
C THR C 322 10.38 5.06 -19.61
N LEU C 323 9.93 3.88 -19.23
CA LEU C 323 9.61 3.58 -17.85
C LEU C 323 9.90 2.13 -17.57
N ASP C 324 10.68 1.88 -16.51
CA ASP C 324 11.10 0.51 -16.19
C ASP C 324 10.31 -0.09 -15.02
N GLY C 325 9.25 0.57 -14.60
CA GLY C 325 8.50 0.16 -13.42
C GLY C 325 8.61 1.17 -12.31
N GLY C 326 9.80 1.77 -12.19
CA GLY C 326 10.05 2.74 -11.10
C GLY C 326 10.69 4.05 -11.49
N ASN C 327 11.42 4.04 -12.59
CA ASN C 327 12.16 5.19 -13.06
C ASN C 327 11.69 5.60 -14.47
N VAL C 328 11.66 6.90 -14.72
CA VAL C 328 11.26 7.46 -16.00
C VAL C 328 12.48 8.11 -16.67
N ASN C 329 12.73 7.72 -17.90
CA ASN C 329 13.77 8.30 -18.72
C ASN C 329 13.18 9.24 -19.74
N VAL C 330 13.78 10.44 -19.87
CA VAL C 330 13.31 11.45 -20.79
C VAL C 330 14.27 11.52 -21.96
N TYR C 331 13.75 11.30 -23.17
CA TYR C 331 14.54 11.37 -24.40
C TYR C 331 14.03 12.46 -25.36
N ASP C 332 15.00 13.13 -25.99
CA ASP C 332 14.76 13.98 -27.14
C ASP C 332 14.82 13.14 -28.41
N ILE C 333 13.70 13.12 -29.13
CA ILE C 333 13.61 12.40 -30.40
C ILE C 333 13.42 13.32 -31.59
N SER C 334 13.93 14.56 -31.51
CA SER C 334 13.86 15.46 -32.67
C SER C 334 14.74 14.99 -33.83
N GLN C 335 15.71 14.13 -33.53
CA GLN C 335 16.56 13.52 -34.53
CA GLN C 335 16.52 13.51 -34.57
C GLN C 335 16.41 12.00 -34.45
N PRO C 336 16.78 11.26 -35.51
CA PRO C 336 16.58 9.81 -35.52
C PRO C 336 17.16 9.02 -34.36
N GLU C 337 18.31 9.44 -33.83
CA GLU C 337 18.87 8.83 -32.61
C GLU C 337 18.30 9.50 -31.40
N PRO C 338 17.58 8.76 -30.54
CA PRO C 338 17.14 9.39 -29.29
C PRO C 338 18.31 9.81 -28.41
N LYS C 339 18.18 10.98 -27.78
CA LYS C 339 19.19 11.46 -26.84
C LYS C 339 18.59 11.47 -25.45
N LEU C 340 19.26 10.83 -24.50
CA LEU C 340 18.79 10.75 -23.11
C LEU C 340 19.10 12.06 -22.42
N LEU C 341 18.06 12.70 -21.94
CA LEU C 341 18.19 14.01 -21.25
C LEU C 341 18.35 13.85 -19.74
N ARG C 342 17.58 12.95 -19.14
CA ARG C 342 17.62 12.74 -17.70
C ARG C 342 16.82 11.51 -17.32
N THR C 343 17.03 11.02 -16.12
CA THR C 343 16.24 9.96 -15.54
C THR C 343 15.65 10.45 -14.23
N ILE C 344 14.36 10.25 -14.05
CA ILE C 344 13.67 10.57 -12.83
C ILE C 344 13.60 9.30 -12.02
N GLU C 345 14.40 9.20 -10.97
CA GLU C 345 14.47 8.00 -10.17
C GLU C 345 13.36 7.96 -9.13
N GLY C 346 12.76 6.79 -8.95
CA GLY C 346 11.75 6.59 -7.92
C GLY C 346 10.46 7.36 -8.17
N ALA C 347 10.11 7.50 -9.44
CA ALA C 347 8.84 8.12 -9.84
C ALA C 347 7.63 7.27 -9.47
N ALA C 348 7.85 5.96 -9.30
CA ALA C 348 6.78 5.06 -8.89
C ALA C 348 7.36 3.80 -8.24
N GLU C 349 6.52 3.06 -7.53
CA GLU C 349 6.91 1.74 -7.06
C GLU C 349 6.59 0.64 -8.07
N ALA C 350 5.48 0.79 -8.78
CA ALA C 350 5.06 -0.21 -9.73
C ALA C 350 4.18 0.42 -10.80
N SER C 351 4.82 1.11 -11.74
CA SER C 351 4.12 1.75 -12.84
C SER C 351 4.47 1.12 -14.17
N LEU C 352 3.45 0.86 -14.98
CA LEU C 352 3.63 0.47 -16.36
C LEU C 352 3.04 1.48 -17.32
N GLN C 353 2.78 2.72 -16.86
CA GLN C 353 2.20 3.72 -17.74
C GLN C 353 2.60 5.13 -17.31
N VAL C 354 3.13 5.87 -18.29
CA VAL C 354 3.40 7.30 -18.13
C VAL C 354 2.79 8.05 -19.33
N GLN C 355 2.27 9.25 -19.05
CA GLN C 355 1.59 10.05 -20.06
C GLN C 355 1.97 11.54 -19.88
N PHE C 356 2.10 12.23 -21.00
CA PHE C 356 2.28 13.69 -20.98
C PHE C 356 0.97 14.42 -20.77
N HIS C 357 1.03 15.58 -20.11
CA HIS C 357 -0.09 16.49 -20.20
C HIS C 357 -0.31 16.88 -21.66
N PRO C 358 -1.54 16.83 -22.15
CA PRO C 358 -1.77 17.26 -23.52
C PRO C 358 -1.55 18.76 -23.70
N VAL C 359 -0.92 19.13 -24.81
CA VAL C 359 -0.79 20.56 -25.17
C VAL C 359 -1.48 20.88 -26.49
N GLY C 360 -1.86 19.86 -27.26
CA GLY C 360 -2.49 20.05 -28.58
C GLY C 360 -3.87 20.72 -28.58
N GLY C 361 -4.67 20.46 -27.54
CA GLY C 361 -6.07 20.89 -27.54
C GLY C 361 -6.93 20.01 -28.43
N GLU D 3 -7.88 -31.40 -9.77
CA GLU D 3 -7.84 -30.57 -8.53
C GLU D 3 -8.90 -29.49 -8.55
N VAL D 4 -9.27 -29.02 -7.38
CA VAL D 4 -10.26 -27.96 -7.23
C VAL D 4 -9.79 -27.01 -6.12
N LEU D 5 -9.77 -25.73 -6.42
CA LEU D 5 -9.41 -24.73 -5.43
C LEU D 5 -10.57 -24.49 -4.50
N THR D 6 -10.31 -24.60 -3.19
CA THR D 6 -11.32 -24.41 -2.17
C THR D 6 -10.92 -23.34 -1.17
N GLY D 7 -11.94 -22.72 -0.55
CA GLY D 7 -11.76 -21.82 0.58
C GLY D 7 -12.42 -22.39 1.82
N GLY D 8 -12.53 -21.57 2.86
CA GLY D 8 -13.15 -21.98 4.11
C GLY D 8 -12.19 -22.64 5.06
N HIS D 9 -10.88 -22.58 4.77
CA HIS D 9 -9.88 -23.27 5.56
C HIS D 9 -9.43 -22.52 6.77
N SER D 10 -9.00 -23.25 7.78
CA SER D 10 -8.46 -22.66 8.98
C SER D 10 -6.96 -22.51 8.90
N VAL D 11 -6.42 -21.68 9.78
CA VAL D 11 -5.00 -21.51 9.89
C VAL D 11 -4.30 -22.88 10.12
N SER D 12 -3.18 -23.09 9.43
CA SER D 12 -2.56 -24.43 9.32
C SER D 12 -1.81 -24.84 10.61
N ALA D 13 -1.29 -23.87 11.35
CA ALA D 13 -0.55 -24.15 12.59
C ALA D 13 -1.43 -23.86 13.76
N PRO D 14 -1.19 -24.54 14.89
CA PRO D 14 -2.07 -24.32 16.03
C PRO D 14 -1.91 -22.93 16.69
N GLN D 15 -2.94 -22.52 17.44
CA GLN D 15 -2.93 -21.21 18.07
C GLN D 15 -1.64 -20.93 18.85
N GLU D 16 -1.14 -21.91 19.59
CA GLU D 16 0.04 -21.72 20.41
C GLU D 16 1.31 -21.43 19.62
N ASN D 17 1.26 -21.55 18.29
CA ASN D 17 2.39 -21.24 17.44
C ASN D 17 2.32 -19.82 16.87
N ARG D 18 1.20 -19.13 17.09
CA ARG D 18 0.89 -17.91 16.33
C ARG D 18 1.30 -16.63 16.98
N ILE D 19 1.79 -15.72 16.14
CA ILE D 19 2.05 -14.37 16.53
C ILE D 19 1.43 -13.42 15.49
N TYR D 20 1.20 -12.18 15.90
CA TYR D 20 0.48 -11.19 15.09
C TYR D 20 1.35 -9.97 14.97
N VAL D 21 1.79 -9.72 13.74
CA VAL D 21 2.65 -8.60 13.45
C VAL D 21 1.79 -7.50 12.81
N MET D 22 1.63 -6.38 13.50
CA MET D 22 0.75 -5.35 13.04
C MET D 22 1.52 -4.46 12.08
N ASP D 23 1.25 -4.62 10.78
CA ASP D 23 2.00 -3.88 9.77
C ASP D 23 1.25 -2.59 9.46
N SER D 24 1.76 -1.45 9.92
CA SER D 24 1.11 -0.21 9.59
C SER D 24 1.15 0.10 8.10
N VAL D 25 2.16 -0.43 7.40
CA VAL D 25 2.40 -0.07 6.01
C VAL D 25 2.31 1.46 5.86
N PHE D 26 3.08 2.17 6.65
CA PHE D 26 3.04 3.64 6.70
C PHE D 26 3.16 4.28 5.31
N MET D 27 3.98 3.67 4.44
CA MET D 27 4.13 4.17 3.07
C MET D 27 2.80 4.16 2.32
N HIS D 28 1.89 3.23 2.70
CA HIS D 28 0.57 3.12 2.13
C HIS D 28 -0.41 2.80 3.24
N LEU D 29 -0.60 3.78 4.12
CA LEU D 29 -1.22 3.55 5.41
C LEU D 29 -2.70 3.13 5.35
N THR D 30 -3.36 3.36 4.20
CA THR D 30 -4.71 2.88 3.97
C THR D 30 -4.84 1.39 3.76
N GLU D 31 -3.70 0.69 3.66
CA GLU D 31 -3.72 -0.78 3.45
C GLU D 31 -2.87 -1.47 4.53
N SER D 32 -2.99 -0.98 5.74
CA SER D 32 -2.39 -1.60 6.90
C SER D 32 -3.00 -3.02 7.04
N ARG D 33 -2.28 -3.91 7.71
CA ARG D 33 -2.81 -5.26 7.88
C ARG D 33 -2.08 -5.93 9.03
N VAL D 34 -2.70 -7.01 9.53
CA VAL D 34 -2.05 -7.91 10.49
C VAL D 34 -1.52 -9.11 9.76
N HIS D 35 -0.23 -9.39 9.91
CA HIS D 35 0.39 -10.60 9.36
C HIS D 35 0.47 -11.63 10.48
N VAL D 36 -0.06 -12.83 10.21
CA VAL D 36 -0.03 -13.92 11.18
C VAL D 36 1.13 -14.84 10.81
N TYR D 37 2.01 -15.09 11.78
CA TYR D 37 3.19 -15.94 11.55
C TYR D 37 3.24 -17.03 12.59
N ASP D 38 3.91 -18.13 12.23
CA ASP D 38 4.30 -19.16 13.20
C ASP D 38 5.67 -18.81 13.73
N TYR D 39 5.80 -18.56 15.04
CA TYR D 39 7.09 -18.13 15.57
C TYR D 39 8.10 -19.30 15.67
N THR D 40 7.61 -20.53 15.58
CA THR D 40 8.46 -21.73 15.73
C THR D 40 9.28 -22.01 14.49
N ASN D 41 8.79 -21.56 13.33
CA ASN D 41 9.50 -21.80 12.08
C ASN D 41 9.51 -20.63 11.07
N GLY D 42 8.90 -19.50 11.41
CA GLY D 42 8.90 -18.31 10.52
C GLY D 42 7.89 -18.38 9.39
N LYS D 43 6.99 -19.37 9.41
CA LYS D 43 6.04 -19.53 8.32
C LYS D 43 4.94 -18.47 8.39
N PHE D 44 4.64 -17.85 7.27
CA PHE D 44 3.50 -16.95 7.12
C PHE D 44 2.21 -17.77 7.07
N LEU D 45 1.26 -17.45 7.95
CA LEU D 45 0.04 -18.23 8.10
C LEU D 45 -1.22 -17.58 7.55
N GLY D 46 -1.20 -16.26 7.42
CA GLY D 46 -2.38 -15.56 6.96
C GLY D 46 -2.32 -14.09 7.35
N MET D 47 -3.41 -13.38 7.14
CA MET D 47 -3.44 -11.97 7.42
C MET D 47 -4.84 -11.45 7.57
N VAL D 48 -4.97 -10.29 8.19
CA VAL D 48 -6.26 -9.64 8.34
C VAL D 48 -6.11 -8.19 7.87
N PRO D 49 -6.88 -7.79 6.85
CA PRO D 49 -6.78 -6.40 6.39
C PRO D 49 -7.38 -5.41 7.36
N THR D 50 -6.71 -4.27 7.56
CA THR D 50 -7.15 -3.30 8.56
C THR D 50 -7.14 -1.85 8.08
N ALA D 51 -7.29 -1.64 6.76
CA ALA D 51 -7.60 -0.34 6.22
C ALA D 51 -6.62 0.71 6.74
N PHE D 52 -7.12 1.90 7.11
CA PHE D 52 -6.24 3.00 7.46
C PHE D 52 -5.77 2.85 8.91
N ASN D 53 -4.45 2.70 9.10
CA ASN D 53 -3.87 2.67 10.43
C ASN D 53 -4.59 1.77 11.39
N GLY D 54 -4.67 0.49 11.05
CA GLY D 54 -5.28 -0.46 11.95
C GLY D 54 -4.56 -0.65 13.24
N HIS D 55 -5.32 -1.01 14.26
CA HIS D 55 -4.81 -1.53 15.54
C HIS D 55 -5.39 -2.94 15.73
N VAL D 56 -4.72 -3.77 16.53
CA VAL D 56 -5.11 -5.15 16.70
C VAL D 56 -4.84 -5.65 18.11
N GLN D 57 -5.73 -6.52 18.57
CA GLN D 57 -5.46 -7.34 19.76
C GLN D 57 -6.16 -8.69 19.57
N VAL D 58 -5.80 -9.67 20.39
CA VAL D 58 -6.48 -10.94 20.37
C VAL D 58 -7.34 -11.03 21.64
N SER D 59 -8.52 -11.60 21.51
CA SER D 59 -9.38 -11.75 22.70
C SER D 59 -8.63 -12.55 23.75
N ASN D 60 -8.86 -12.21 25.01
CA ASN D 60 -8.19 -12.90 26.10
C ASN D 60 -8.44 -14.41 26.07
N ASP D 61 -9.61 -14.83 25.57
CA ASP D 61 -9.95 -16.26 25.49
C ASP D 61 -9.40 -16.95 24.25
N GLY D 62 -8.73 -16.18 23.41
CA GLY D 62 -8.00 -16.72 22.25
C GLY D 62 -8.85 -17.12 21.06
N LYS D 63 -10.14 -16.79 21.06
CA LYS D 63 -11.05 -17.27 20.02
C LYS D 63 -11.16 -16.26 18.87
N LYS D 64 -11.00 -14.97 19.19
CA LYS D 64 -11.27 -13.91 18.21
C LYS D 64 -10.11 -12.92 18.13
N ILE D 65 -10.00 -12.30 16.96
CA ILE D 65 -9.11 -11.17 16.76
C ILE D 65 -9.96 -9.91 16.68
N TYR D 66 -9.55 -8.89 17.42
CA TYR D 66 -10.22 -7.59 17.43
C TYR D 66 -9.34 -6.62 16.66
N THR D 67 -9.90 -5.93 15.67
CA THR D 67 -9.21 -4.83 15.04
C THR D 67 -9.96 -3.51 15.28
N MET D 68 -9.24 -2.41 15.13
CA MET D 68 -9.81 -1.07 15.20
C MET D 68 -9.28 -0.29 13.99
N THR D 69 -10.17 0.28 13.21
CA THR D 69 -9.77 1.00 12.03
C THR D 69 -10.73 2.12 11.65
N THR D 70 -10.38 2.83 10.57
CA THR D 70 -11.18 3.94 10.03
C THR D 70 -11.37 3.71 8.57
N TYR D 71 -12.64 3.80 8.15
CA TYR D 71 -13.03 3.81 6.76
C TYR D 71 -13.62 5.17 6.38
N HIS D 72 -13.58 5.50 5.10
CA HIS D 72 -14.43 6.57 4.54
C HIS D 72 -15.12 6.05 3.32
N GLU D 73 -16.26 6.64 2.95
CA GLU D 73 -17.05 6.08 1.83
C GLU D 73 -16.25 5.98 0.53
N ARG D 74 -15.34 6.92 0.32
CA ARG D 74 -14.49 6.96 -0.84
C ARG D 74 -13.02 7.15 -0.45
N ILE D 75 -12.69 6.62 0.75
CA ILE D 75 -11.31 6.56 1.29
C ILE D 75 -10.77 7.94 1.67
N THR D 76 -10.50 8.76 0.66
CA THR D 76 -9.96 10.13 0.86
C THR D 76 -11.05 11.21 0.83
N ARG D 77 -12.30 10.79 0.68
CA ARG D 77 -13.44 11.70 0.88
C ARG D 77 -14.65 10.87 1.33
N GLY D 78 -15.70 11.53 1.73
CA GLY D 78 -16.94 10.84 2.13
C GLY D 78 -17.01 10.58 3.62
N LYS D 79 -18.12 10.03 4.05
CA LYS D 79 -18.40 9.88 5.47
C LYS D 79 -17.41 8.94 6.14
N ARG D 80 -16.97 9.33 7.34
CA ARG D 80 -16.08 8.54 8.20
C ARG D 80 -16.83 7.49 9.02
N SER D 81 -16.31 6.24 9.03
CA SER D 81 -16.75 5.22 9.95
C SER D 81 -15.55 4.66 10.72
N ASP D 82 -15.45 4.99 12.00
CA ASP D 82 -14.50 4.35 12.91
C ASP D 82 -15.16 3.09 13.49
N VAL D 83 -14.44 1.96 13.51
CA VAL D 83 -15.02 0.68 13.88
C VAL D 83 -14.04 -0.18 14.70
N VAL D 84 -14.63 -1.01 15.55
CA VAL D 84 -14.01 -2.25 15.97
C VAL D 84 -14.57 -3.40 15.14
N GLU D 85 -13.70 -4.28 14.63
CA GLU D 85 -14.15 -5.48 13.97
C GLU D 85 -13.77 -6.71 14.76
N VAL D 86 -14.69 -7.67 14.77
CA VAL D 86 -14.44 -8.96 15.38
C VAL D 86 -14.25 -9.99 14.29
N TRP D 87 -13.09 -10.62 14.32
CA TRP D 87 -12.69 -11.66 13.36
C TRP D 87 -12.49 -12.99 14.06
N ASP D 88 -12.85 -14.08 13.39
CA ASP D 88 -12.53 -15.40 13.92
C ASP D 88 -11.06 -15.70 13.79
N ALA D 89 -10.45 -16.18 14.87
CA ALA D 89 -9.02 -16.38 14.92
C ALA D 89 -8.56 -17.50 14.03
N ASP D 90 -9.33 -18.58 13.96
CA ASP D 90 -8.86 -19.76 13.22
C ASP D 90 -9.19 -19.66 11.73
N LYS D 91 -10.32 -19.04 11.39
CA LYS D 91 -10.70 -18.87 9.99
C LYS D 91 -10.20 -17.56 9.37
N LEU D 92 -9.81 -16.60 10.22
CA LEU D 92 -9.37 -15.25 9.77
C LEU D 92 -10.42 -14.66 8.85
N THR D 93 -11.67 -14.71 9.34
CA THR D 93 -12.81 -14.18 8.63
C THR D 93 -13.51 -13.11 9.49
N PHE D 94 -14.11 -12.15 8.81
CA PHE D 94 -14.83 -11.04 9.44
C PHE D 94 -16.16 -11.56 9.99
N GLU D 95 -16.48 -11.19 11.23
CA GLU D 95 -17.76 -11.57 11.85
C GLU D 95 -18.69 -10.39 12.13
N LYS D 96 -18.16 -9.34 12.74
CA LYS D 96 -18.99 -8.25 13.26
C LYS D 96 -18.24 -6.93 13.24
N GLU D 97 -18.97 -5.86 12.93
CA GLU D 97 -18.50 -4.50 13.03
C GLU D 97 -19.23 -3.82 14.18
N ILE D 98 -18.48 -3.12 15.02
CA ILE D 98 -19.05 -2.33 16.09
C ILE D 98 -18.72 -0.86 15.80
N SER D 99 -19.75 -0.03 15.66
CA SER D 99 -19.58 1.38 15.38
C SER D 99 -19.04 2.17 16.57
N LEU D 100 -18.01 2.97 16.32
CA LEU D 100 -17.45 3.92 17.29
C LEU D 100 -17.75 5.33 16.88
N PRO D 101 -17.68 6.27 17.83
CA PRO D 101 -17.73 7.67 17.43
C PRO D 101 -16.47 8.03 16.63
N PRO D 102 -16.57 8.99 15.69
CA PRO D 102 -15.43 9.25 14.77
C PRO D 102 -14.26 9.99 15.41
N LYS D 103 -13.68 9.38 16.44
CA LYS D 103 -12.57 9.94 17.15
C LYS D 103 -11.64 8.87 17.73
N ARG D 104 -11.69 7.64 17.23
CA ARG D 104 -10.72 6.65 17.69
C ARG D 104 -9.30 7.13 17.40
N VAL D 105 -8.35 6.81 18.28
CA VAL D 105 -7.00 7.29 18.09
C VAL D 105 -6.41 6.79 16.78
N GLN D 106 -5.91 7.74 16.00
CA GLN D 106 -5.08 7.43 14.84
C GLN D 106 -3.66 7.74 15.19
N GLY D 107 -2.83 6.71 15.18
CA GLY D 107 -1.43 6.84 15.59
C GLY D 107 -0.72 5.52 15.62
N LEU D 108 0.54 5.58 16.02
CA LEU D 108 1.39 4.40 16.00
C LEU D 108 0.94 3.35 17.02
N ASN D 109 1.31 2.09 16.76
CA ASN D 109 0.71 0.96 17.44
C ASN D 109 1.30 0.62 18.82
N TYR D 110 1.17 1.55 19.76
CA TYR D 110 1.42 1.24 21.15
C TYR D 110 0.35 0.31 21.68
N ASP D 111 0.72 -0.66 22.51
CA ASP D 111 -0.23 -1.62 23.07
C ASP D 111 -1.40 -0.92 23.76
N GLY D 112 -1.08 0.13 24.52
CA GLY D 112 -2.06 0.76 25.41
C GLY D 112 -3.16 1.58 24.74
N LEU D 113 -3.11 1.71 23.42
CA LEU D 113 -4.16 2.42 22.73
C LEU D 113 -5.42 1.58 22.47
N PHE D 114 -5.29 0.27 22.58
CA PHE D 114 -6.34 -0.66 22.20
C PHE D 114 -6.19 -1.94 23.00
N ARG D 115 -6.99 -2.05 24.06
CA ARG D 115 -6.81 -3.06 25.10
C ARG D 115 -8.17 -3.69 25.47
N GLN D 116 -8.20 -4.49 26.53
CA GLN D 116 -9.45 -5.07 26.99
C GLN D 116 -9.37 -5.30 28.47
N THR D 117 -10.52 -5.37 29.12
CA THR D 117 -10.55 -5.67 30.56
C THR D 117 -10.04 -7.08 30.77
N THR D 118 -9.59 -7.37 31.99
CA THR D 118 -9.08 -8.71 32.29
C THR D 118 -10.12 -9.81 32.04
N ASP D 119 -11.40 -9.56 32.36
CA ASP D 119 -12.45 -10.55 32.14
C ASP D 119 -12.86 -10.66 30.67
N GLY D 120 -12.24 -9.83 29.83
CA GLY D 120 -12.47 -9.88 28.39
C GLY D 120 -13.82 -9.38 27.93
N LYS D 121 -14.63 -8.84 28.84
CA LYS D 121 -15.99 -8.43 28.48
C LYS D 121 -16.03 -7.11 27.75
N PHE D 122 -15.03 -6.27 28.01
CA PHE D 122 -14.97 -4.92 27.39
C PHE D 122 -13.66 -4.66 26.70
N ILE D 123 -13.78 -4.08 25.50
CA ILE D 123 -12.66 -3.49 24.82
C ILE D 123 -12.56 -2.07 25.30
N VAL D 124 -11.35 -1.65 25.55
CA VAL D 124 -11.06 -0.36 26.12
C VAL D 124 -10.04 0.31 25.24
N LEU D 125 -10.43 1.43 24.64
CA LEU D 125 -9.64 2.05 23.56
C LEU D 125 -9.43 3.54 23.82
N GLN D 126 -8.37 4.07 23.26
CA GLN D 126 -8.09 5.49 23.34
C GLN D 126 -8.76 6.31 22.21
N ASN D 127 -9.46 7.39 22.60
CA ASN D 127 -10.02 8.37 21.68
C ASN D 127 -9.22 9.65 21.71
N ALA D 128 -9.23 10.36 20.59
CA ALA D 128 -8.66 11.70 20.53
C ALA D 128 -9.35 12.50 19.43
N SER D 129 -9.96 13.62 19.80
CA SER D 129 -10.74 14.43 18.86
C SER D 129 -10.25 15.86 18.43
N PRO D 130 -9.25 16.48 19.07
CA PRO D 130 -8.13 15.86 19.79
C PRO D 130 -8.29 15.78 21.30
N ALA D 131 -9.42 16.25 21.84
CA ALA D 131 -9.72 16.01 23.25
C ALA D 131 -9.66 14.52 23.50
N THR D 132 -9.05 14.12 24.62
CA THR D 132 -8.90 12.69 24.86
C THR D 132 -9.98 12.17 25.80
N SER D 133 -10.43 10.95 25.53
CA SER D 133 -11.31 10.19 26.38
C SER D 133 -11.03 8.72 26.09
N ILE D 134 -11.53 7.84 26.95
CA ILE D 134 -11.39 6.40 26.76
C ILE D 134 -12.74 5.84 26.37
N GLY D 135 -12.78 5.06 25.29
CA GLY D 135 -14.00 4.43 24.82
C GLY D 135 -14.13 3.02 25.35
N ILE D 136 -15.35 2.64 25.70
CA ILE D 136 -15.67 1.33 26.18
C ILE D 136 -16.62 0.66 25.23
N VAL D 137 -16.24 -0.53 24.77
CA VAL D 137 -17.04 -1.34 23.89
C VAL D 137 -17.44 -2.65 24.60
N ASP D 138 -18.75 -2.92 24.63
CA ASP D 138 -19.28 -4.19 25.12
C ASP D 138 -19.27 -5.22 24.00
N VAL D 139 -18.38 -6.20 24.11
CA VAL D 139 -18.09 -7.10 22.99
C VAL D 139 -19.30 -8.00 22.66
N ALA D 140 -19.89 -8.57 23.68
CA ALA D 140 -21.05 -9.46 23.55
C ALA D 140 -22.22 -8.73 22.91
N LYS D 141 -22.53 -7.55 23.42
CA LYS D 141 -23.64 -6.76 22.88
C LYS D 141 -23.32 -6.16 21.52
N GLY D 142 -22.04 -5.98 21.23
CA GLY D 142 -21.61 -5.32 20.01
C GLY D 142 -21.91 -3.84 20.05
N ASP D 143 -21.80 -3.23 21.23
CA ASP D 143 -22.14 -1.82 21.44
C ASP D 143 -21.00 -0.98 21.99
N TYR D 144 -21.01 0.30 21.61
CA TYR D 144 -20.22 1.33 22.26
C TYR D 144 -20.99 1.80 23.46
N VAL D 145 -20.41 1.65 24.63
CA VAL D 145 -21.08 2.05 25.87
C VAL D 145 -21.03 3.59 25.95
N GLU D 146 -19.99 4.18 26.54
CA GLU D 146 -19.84 5.63 26.46
C GLU D 146 -18.40 6.05 26.68
N ASP D 147 -18.14 7.36 26.51
CA ASP D 147 -16.84 7.96 26.72
C ASP D 147 -16.56 8.06 28.19
N VAL D 148 -15.34 7.71 28.57
CA VAL D 148 -14.84 8.01 29.89
C VAL D 148 -14.17 9.38 29.80
N THR D 149 -14.97 10.43 29.96
CA THR D 149 -14.47 11.77 29.85
C THR D 149 -13.62 12.16 31.06
N ALA D 150 -13.69 11.39 32.15
CA ALA D 150 -12.83 11.66 33.31
C ALA D 150 -11.36 11.55 32.94
N ALA D 151 -11.05 10.85 31.83
CA ALA D 151 -9.66 10.66 31.41
C ALA D 151 -9.14 11.76 30.48
N ALA D 152 -9.87 12.86 30.35
CA ALA D 152 -9.40 13.97 29.56
C ALA D 152 -8.06 14.41 30.09
N GLY D 153 -7.11 14.65 29.19
CA GLY D 153 -5.77 15.02 29.61
C GLY D 153 -4.89 13.84 29.99
N CYS D 154 -5.39 12.61 29.82
CA CYS D 154 -4.60 11.42 30.07
C CYS D 154 -4.39 10.66 28.77
N TRP D 155 -3.62 9.57 28.85
CA TRP D 155 -3.24 8.83 27.65
C TRP D 155 -2.90 7.36 27.91
N SER D 156 -3.50 6.50 27.11
CA SER D 156 -3.26 5.05 27.09
C SER D 156 -3.93 4.29 28.22
N VAL D 157 -4.06 2.99 28.01
CA VAL D 157 -4.89 2.12 28.83
C VAL D 157 -3.98 1.03 29.38
N ILE D 158 -3.88 0.94 30.71
CA ILE D 158 -3.13 -0.14 31.35
C ILE D 158 -4.12 -0.97 32.17
N PRO D 159 -4.52 -2.13 31.66
CA PRO D 159 -5.44 -2.95 32.43
C PRO D 159 -4.82 -3.44 33.72
N GLN D 160 -5.65 -3.63 34.75
CA GLN D 160 -5.19 -4.22 36.01
C GLN D 160 -5.46 -5.71 35.98
N PRO D 161 -4.41 -6.53 35.87
CA PRO D 161 -4.65 -7.96 35.72
C PRO D 161 -5.21 -8.69 36.95
N ASN D 162 -5.31 -7.99 38.08
CA ASN D 162 -5.87 -8.58 39.30
C ASN D 162 -7.33 -8.21 39.56
N ARG D 163 -7.94 -7.48 38.64
CA ARG D 163 -9.35 -7.10 38.75
C ARG D 163 -10.02 -7.31 37.39
N PRO D 164 -11.32 -7.63 37.39
CA PRO D 164 -12.04 -8.04 36.18
C PRO D 164 -12.29 -6.93 35.16
N ARG D 165 -12.47 -5.71 35.63
CA ARG D 165 -12.82 -4.61 34.73
C ARG D 165 -12.36 -3.28 35.28
N SER D 166 -11.07 -3.23 35.58
CA SER D 166 -10.42 -2.01 36.01
C SER D 166 -9.19 -1.77 35.15
N PHE D 167 -8.88 -0.51 34.93
CA PHE D 167 -7.68 -0.13 34.20
C PHE D 167 -7.22 1.22 34.65
N MET D 168 -5.99 1.56 34.28
CA MET D 168 -5.39 2.84 34.61
C MET D 168 -4.99 3.57 33.36
N THR D 169 -4.83 4.89 33.49
CA THR D 169 -4.31 5.71 32.42
C THR D 169 -3.35 6.75 33.00
N ILE D 170 -2.38 7.16 32.20
CA ILE D 170 -1.35 8.09 32.60
C ILE D 170 -1.79 9.52 32.31
N CYS D 171 -1.77 10.40 33.32
CA CYS D 171 -2.36 11.71 33.16
C CYS D 171 -1.32 12.82 33.16
N GLY D 172 -1.71 13.98 32.62
CA GLY D 172 -0.79 15.11 32.45
C GLY D 172 -0.22 15.68 33.72
N ASP D 173 -0.79 15.31 34.86
CA ASP D 173 -0.26 15.72 36.16
C ASP D 173 0.81 14.77 36.70
N GLY D 174 1.18 13.77 35.90
CA GLY D 174 2.19 12.80 36.30
C GLY D 174 1.68 11.72 37.25
N GLY D 175 0.36 11.61 37.36
CA GLY D 175 -0.26 10.59 38.16
C GLY D 175 -1.02 9.60 37.29
N LEU D 176 -1.62 8.61 37.95
CA LEU D 176 -2.44 7.62 37.31
C LEU D 176 -3.88 7.74 37.73
N LEU D 177 -4.78 7.71 36.75
CA LEU D 177 -6.21 7.61 36.98
C LEU D 177 -6.66 6.17 36.81
N THR D 178 -7.29 5.62 37.86
CA THR D 178 -7.85 4.31 37.81
C THR D 178 -9.34 4.42 37.59
N ILE D 179 -9.84 3.60 36.66
CA ILE D 179 -11.24 3.53 36.35
C ILE D 179 -11.73 2.13 36.62
N ASN D 180 -12.82 2.01 37.37
CA ASN D 180 -13.46 0.73 37.60
C ASN D 180 -14.83 0.68 36.95
N LEU D 181 -15.03 -0.24 36.03
CA LEU D 181 -16.30 -0.33 35.31
C LEU D 181 -17.31 -1.21 36.04
N GLY D 182 -18.58 -0.86 35.90
CA GLY D 182 -19.66 -1.71 36.32
C GLY D 182 -19.90 -2.78 35.28
N GLU D 183 -20.85 -3.66 35.54
CA GLU D 183 -21.14 -4.77 34.64
C GLU D 183 -21.76 -4.32 33.31
N ASP D 184 -22.16 -3.05 33.25
CA ASP D 184 -22.71 -2.45 32.03
C ASP D 184 -21.63 -1.74 31.17
N GLY D 185 -20.41 -1.65 31.69
CA GLY D 185 -19.32 -0.96 31.00
C GLY D 185 -19.22 0.51 31.32
N LYS D 186 -20.10 1.02 32.17
CA LYS D 186 -20.02 2.43 32.56
C LYS D 186 -19.12 2.57 33.79
N VAL D 187 -18.63 3.78 34.05
CA VAL D 187 -17.73 3.99 35.17
C VAL D 187 -18.53 3.80 36.47
N ALA D 188 -18.07 2.87 37.32
CA ALA D 188 -18.67 2.62 38.65
C ALA D 188 -17.97 3.45 39.71
N SER D 189 -16.64 3.46 39.64
CA SER D 189 -15.83 4.34 40.47
C SER D 189 -14.51 4.67 39.81
N GLN D 190 -13.80 5.62 40.39
CA GLN D 190 -12.48 6.03 39.88
C GLN D 190 -11.64 6.54 41.02
N SER D 191 -10.32 6.55 40.84
CA SER D 191 -9.42 7.21 41.78
C SER D 191 -8.18 7.73 41.09
N ARG D 192 -7.59 8.78 41.67
CA ARG D 192 -6.35 9.36 41.18
C ARG D 192 -5.24 9.13 42.19
N SER D 193 -4.10 8.62 41.72
CA SER D 193 -2.92 8.45 42.58
C SER D 193 -2.27 9.80 42.89
N LYS D 194 -1.31 9.77 43.80
CA LYS D 194 -0.41 10.91 43.95
C LYS D 194 0.48 10.96 42.73
N GLN D 195 1.20 12.06 42.56
CA GLN D 195 2.12 12.21 41.44
C GLN D 195 3.18 11.11 41.51
N MET D 196 3.36 10.41 40.40
CA MET D 196 4.37 9.35 40.31
C MET D 196 5.68 9.88 39.72
N PHE D 197 5.57 10.64 38.63
CA PHE D 197 6.74 11.17 37.95
C PHE D 197 6.55 12.63 37.57
N SER D 198 7.67 13.36 37.42
CA SER D 198 7.63 14.72 36.92
C SER D 198 7.54 14.71 35.41
N VAL D 199 6.46 15.26 34.88
CA VAL D 199 6.26 15.36 33.43
C VAL D 199 7.37 16.21 32.78
N LYS D 200 7.75 17.31 33.43
CA LYS D 200 8.78 18.17 32.88
C LYS D 200 10.19 17.58 33.02
N ASP D 201 10.50 17.03 34.18
CA ASP D 201 11.90 16.71 34.49
C ASP D 201 12.29 15.28 34.24
N ASP D 202 11.32 14.36 34.23
CA ASP D 202 11.63 12.93 34.04
C ASP D 202 10.46 12.22 33.38
N PRO D 203 10.14 12.60 32.12
CA PRO D 203 9.00 11.97 31.48
C PRO D 203 9.20 10.47 31.30
N ILE D 204 8.16 9.68 31.59
CA ILE D 204 8.18 8.24 31.36
C ILE D 204 7.66 7.86 29.96
N PHE D 205 8.17 6.74 29.46
CA PHE D 205 7.57 6.05 28.32
C PHE D 205 6.24 5.47 28.80
N ILE D 206 5.24 5.49 27.93
CA ILE D 206 3.94 4.99 28.33
C ILE D 206 3.84 3.45 28.44
N ALA D 207 4.75 2.71 27.80
CA ALA D 207 4.67 1.28 27.78
C ALA D 207 4.93 0.70 29.19
N PRO D 208 3.96 -0.03 29.74
CA PRO D 208 4.22 -0.61 31.07
C PRO D 208 4.99 -1.92 31.01
N ALA D 209 5.77 -2.19 32.06
CA ALA D 209 6.21 -3.53 32.34
C ALA D 209 5.24 -4.08 33.40
N LEU D 210 4.30 -4.89 32.95
CA LEU D 210 3.08 -5.14 33.70
C LEU D 210 3.11 -6.47 34.42
N ASP D 211 2.97 -6.41 35.76
CA ASP D 211 2.82 -7.57 36.61
C ASP D 211 1.34 -7.79 36.94
N LYS D 212 1.03 -8.82 37.73
CA LYS D 212 -0.36 -9.09 38.11
C LYS D 212 -0.98 -7.97 38.94
N ASP D 213 -0.19 -7.34 39.80
CA ASP D 213 -0.70 -6.32 40.72
C ASP D 213 0.17 -5.07 40.81
N LYS D 214 1.14 -4.94 39.90
CA LYS D 214 1.86 -3.70 39.78
C LYS D 214 2.40 -3.54 38.35
N ALA D 215 2.78 -2.31 38.04
CA ALA D 215 3.35 -1.97 36.74
C ALA D 215 4.56 -1.09 36.93
N HIS D 216 5.60 -1.34 36.13
CA HIS D 216 6.78 -0.55 36.14
C HIS D 216 6.87 0.24 34.83
N PHE D 217 7.47 1.42 34.91
CA PHE D 217 7.66 2.32 33.78
C PHE D 217 9.09 2.81 33.78
N VAL D 218 9.67 3.02 32.59
CA VAL D 218 10.99 3.60 32.47
C VAL D 218 10.90 5.02 31.92
N SER D 219 11.90 5.85 32.25
CA SER D 219 11.87 7.24 31.89
C SER D 219 12.87 7.57 30.79
N TYR D 220 12.74 8.75 30.19
CA TYR D 220 13.64 9.24 29.14
C TYR D 220 15.09 9.24 29.59
N TYR D 221 15.30 9.29 30.91
CA TYR D 221 16.66 9.39 31.47
C TYR D 221 17.12 8.10 32.18
N GLY D 222 16.40 7.00 31.99
CA GLY D 222 16.82 5.72 32.51
C GLY D 222 16.43 5.46 33.95
N ASN D 223 15.41 6.16 34.45
CA ASN D 223 14.86 5.87 35.77
C ASN D 223 13.68 4.92 35.67
N VAL D 224 13.33 4.30 36.78
CA VAL D 224 12.22 3.39 36.86
C VAL D 224 11.22 3.84 37.92
N TYR D 225 9.94 3.80 37.57
CA TYR D 225 8.85 4.13 38.46
C TYR D 225 7.91 2.96 38.56
N SER D 226 7.17 2.86 39.66
CA SER D 226 6.18 1.82 39.76
C SER D 226 4.85 2.29 40.34
N ALA D 227 3.81 1.54 39.99
CA ALA D 227 2.46 1.73 40.46
C ALA D 227 1.99 0.40 40.97
N ASP D 228 1.79 0.30 42.28
CA ASP D 228 1.31 -0.93 42.90
C ASP D 228 -0.18 -0.81 43.11
N PHE D 229 -0.94 -1.71 42.49
CA PHE D 229 -2.40 -1.70 42.64
C PHE D 229 -2.91 -2.97 43.28
N SER D 230 -2.12 -3.50 44.24
CA SER D 230 -2.51 -4.67 45.02
C SER D 230 -3.62 -4.34 46.01
N GLY D 231 -3.65 -3.09 46.47
CA GLY D 231 -4.63 -2.64 47.47
C GLY D 231 -5.72 -1.75 46.89
N ASP D 232 -6.39 -1.00 47.77
CA ASP D 232 -7.56 -0.20 47.38
C ASP D 232 -7.17 0.92 46.43
N GLU D 233 -6.10 1.63 46.78
CA GLU D 233 -5.60 2.74 45.98
C GLU D 233 -4.24 2.40 45.40
N VAL D 234 -3.92 3.04 44.28
CA VAL D 234 -2.64 2.83 43.64
C VAL D 234 -1.57 3.54 44.46
N LYS D 235 -0.54 2.80 44.84
CA LYS D 235 0.60 3.37 45.50
C LYS D 235 1.75 3.49 44.50
N VAL D 236 2.31 4.69 44.38
CA VAL D 236 3.37 4.96 43.40
C VAL D 236 4.74 5.13 44.07
N ASP D 237 5.79 4.75 43.35
CA ASP D 237 7.16 4.86 43.85
C ASP D 237 8.14 5.09 42.72
N GLY D 238 9.35 5.54 43.06
CA GLY D 238 10.39 5.88 42.11
C GLY D 238 10.82 7.33 42.25
N PRO D 239 12.00 7.66 41.74
CA PRO D 239 12.72 6.82 40.78
C PRO D 239 13.80 5.95 41.42
N TRP D 240 14.09 4.82 40.78
CA TRP D 240 15.41 4.20 40.88
C TRP D 240 16.02 4.11 39.49
N SER D 241 17.35 4.18 39.41
CA SER D 241 18.05 4.25 38.13
C SER D 241 18.37 2.89 37.57
N LEU D 242 18.24 2.77 36.25
CA LEU D 242 18.68 1.57 35.53
C LEU D 242 20.21 1.54 35.43
N LEU D 243 20.83 2.70 35.72
CA LEU D 243 22.21 3.00 35.31
C LEU D 243 23.20 2.97 36.48
N ASN D 244 24.33 2.31 36.25
CA ASN D 244 25.52 2.46 37.11
C ASN D 244 26.41 3.59 36.61
N ASP D 245 27.54 3.83 37.28
CA ASP D 245 28.39 4.98 36.96
C ASP D 245 28.92 4.89 35.54
N GLU D 246 29.33 3.69 35.14
CA GLU D 246 29.87 3.44 33.81
C GLU D 246 28.78 3.66 32.76
N ASP D 247 27.57 3.21 33.06
CA ASP D 247 26.39 3.45 32.21
C ASP D 247 26.15 4.94 32.02
N LYS D 248 26.05 5.67 33.14
CA LYS D 248 25.86 7.13 33.10
C LYS D 248 26.97 7.82 32.34
N ALA D 249 28.21 7.38 32.51
CA ALA D 249 29.33 8.02 31.83
C ALA D 249 29.23 7.95 30.31
N LYS D 250 28.62 6.87 29.80
CA LYS D 250 28.42 6.72 28.34
C LYS D 250 27.00 7.12 27.91
N ASN D 251 26.24 7.72 28.84
CA ASN D 251 24.91 8.26 28.54
C ASN D 251 23.93 7.23 27.97
N TRP D 252 23.92 6.05 28.57
CA TRP D 252 22.93 5.03 28.25
C TRP D 252 21.53 5.44 28.71
N VAL D 253 20.56 5.38 27.80
CA VAL D 253 19.17 5.68 28.13
C VAL D 253 18.27 4.75 27.35
N PRO D 254 17.01 4.59 27.77
CA PRO D 254 16.11 3.76 26.98
C PRO D 254 15.71 4.42 25.67
N GLY D 255 15.25 3.61 24.74
CA GLY D 255 14.64 4.13 23.53
C GLY D 255 13.86 3.06 22.83
N GLY D 256 12.78 3.47 22.16
CA GLY D 256 11.92 2.48 21.51
C GLY D 256 10.48 2.93 21.58
N TYR D 257 9.59 2.02 21.24
CA TYR D 257 8.17 2.28 21.26
C TYR D 257 7.50 1.38 22.32
N ASN D 258 7.16 0.14 21.99
CA ASN D 258 6.73 -0.84 23.00
C ASN D 258 8.01 -1.44 23.57
N LEU D 259 8.71 -0.66 24.39
CA LEU D 259 10.15 -0.87 24.60
C LEU D 259 10.50 -1.67 25.85
N VAL D 260 9.48 -2.09 26.61
CA VAL D 260 9.69 -2.89 27.85
C VAL D 260 8.80 -4.13 27.95
N GLY D 261 9.19 -5.04 28.84
CA GLY D 261 8.42 -6.23 29.11
C GLY D 261 8.79 -6.70 30.52
N LEU D 262 7.90 -7.50 31.10
CA LEU D 262 8.14 -8.12 32.39
C LEU D 262 7.91 -9.60 32.29
N HIS D 263 8.87 -10.38 32.78
CA HIS D 263 8.68 -11.79 33.00
C HIS D 263 8.20 -11.92 34.45
N ARG D 264 6.93 -12.22 34.63
CA ARG D 264 6.28 -12.07 35.93
C ARG D 264 6.81 -13.06 36.97
N ALA D 265 7.07 -14.29 36.55
CA ALA D 265 7.52 -15.33 37.48
C ALA D 265 8.86 -14.99 38.12
N SER D 266 9.76 -14.36 37.36
CA SER D 266 11.10 -14.03 37.85
C SER D 266 11.23 -12.61 38.36
N GLY D 267 10.33 -11.74 37.87
CA GLY D 267 10.44 -10.31 38.12
C GLY D 267 11.50 -9.62 37.27
N ARG D 268 11.97 -10.27 36.22
CA ARG D 268 12.91 -9.63 35.30
C ARG D 268 12.20 -8.65 34.38
N MET D 269 12.74 -7.44 34.30
CA MET D 269 12.26 -6.42 33.35
C MET D 269 13.27 -6.29 32.19
N TYR D 270 12.72 -6.27 30.97
CA TYR D 270 13.50 -6.18 29.73
C TYR D 270 13.31 -4.80 29.16
N VAL D 271 14.39 -4.15 28.73
CA VAL D 271 14.35 -2.76 28.29
C VAL D 271 15.35 -2.51 27.16
N PHE D 272 14.90 -1.88 26.08
CA PHE D 272 15.79 -1.45 25.02
C PHE D 272 16.56 -0.22 25.39
N MET D 273 17.88 -0.27 25.18
CA MET D 273 18.77 0.84 25.58
C MET D 273 19.75 1.19 24.49
N HIS D 274 20.22 2.42 24.50
CA HIS D 274 21.26 2.86 23.58
C HIS D 274 22.18 3.87 24.28
N PRO D 275 23.44 3.95 23.85
CA PRO D 275 24.39 4.94 24.38
C PRO D 275 24.23 6.34 23.80
N ASP D 276 25.02 7.28 24.30
CA ASP D 276 25.03 8.63 23.78
C ASP D 276 23.63 9.22 23.69
N GLY D 277 22.88 9.03 24.76
CA GLY D 277 21.56 9.60 24.91
C GLY D 277 21.63 11.11 24.99
N LYS D 278 20.67 11.77 24.36
CA LYS D 278 20.47 13.20 24.52
C LYS D 278 19.06 13.52 24.07
N GLU D 279 18.66 14.77 24.18
CA GLU D 279 17.33 15.19 23.77
C GLU D 279 17.10 14.78 22.33
N GLY D 280 16.01 14.03 22.12
CA GLY D 280 15.63 13.61 20.78
C GLY D 280 15.98 12.15 20.46
N THR D 281 16.55 11.41 21.41
CA THR D 281 16.96 10.01 21.11
C THR D 281 16.06 8.93 21.71
N HIS D 282 14.88 9.32 22.22
CA HIS D 282 14.01 8.40 22.95
C HIS D 282 13.33 7.33 22.10
N LYS D 283 13.38 7.50 20.78
CA LYS D 283 12.83 6.47 19.87
C LYS D 283 13.92 5.78 19.02
N PHE D 284 15.18 5.99 19.38
CA PHE D 284 16.30 5.30 18.70
C PHE D 284 16.19 3.77 18.89
N PRO D 285 16.60 3.01 17.86
CA PRO D 285 16.69 1.56 17.94
C PRO D 285 17.65 1.13 19.04
N ALA D 286 17.42 -0.06 19.54
CA ALA D 286 18.18 -0.61 20.66
C ALA D 286 19.58 -1.00 20.21
N ALA D 287 20.57 -0.43 20.85
CA ALA D 287 21.93 -0.95 20.79
C ALA D 287 22.03 -2.24 21.59
N GLU D 288 21.32 -2.28 22.72
CA GLU D 288 21.27 -3.44 23.58
C GLU D 288 19.88 -3.65 24.18
N ILE D 289 19.64 -4.87 24.62
CA ILE D 289 18.56 -5.17 25.55
C ILE D 289 19.16 -5.42 26.94
N TRP D 290 18.71 -4.66 27.92
CA TRP D 290 19.10 -4.90 29.32
C TRP D 290 18.00 -5.67 30.06
N VAL D 291 18.44 -6.55 30.97
CA VAL D 291 17.54 -7.37 31.75
C VAL D 291 17.79 -7.02 33.20
N MET D 292 16.75 -6.52 33.87
CA MET D 292 16.87 -6.04 35.23
C MET D 292 16.07 -6.94 36.17
N ASP D 293 16.63 -7.25 37.33
CA ASP D 293 15.86 -7.82 38.42
C ASP D 293 15.18 -6.68 39.17
N THR D 294 13.85 -6.66 39.13
CA THR D 294 13.11 -5.52 39.70
C THR D 294 13.07 -5.59 41.23
N LYS D 295 13.37 -6.75 41.79
CA LYS D 295 13.44 -6.92 43.24
C LYS D 295 14.76 -6.38 43.77
N THR D 296 15.86 -6.87 43.20
CA THR D 296 17.20 -6.42 43.63
C THR D 296 17.59 -5.07 43.01
N LYS D 297 16.91 -4.69 41.93
CA LYS D 297 17.17 -3.42 41.23
C LYS D 297 18.55 -3.39 40.57
N GLN D 298 19.05 -4.57 40.20
CA GLN D 298 20.34 -4.70 39.52
C GLN D 298 20.11 -5.22 38.11
N ARG D 299 21.02 -4.85 37.21
CA ARG D 299 21.10 -5.48 35.90
C ARG D 299 21.69 -6.89 35.99
N VAL D 300 21.02 -7.86 35.39
CA VAL D 300 21.46 -9.25 35.39
C VAL D 300 21.91 -9.76 34.00
N ALA D 301 21.58 -9.01 32.94
CA ALA D 301 22.15 -9.29 31.62
C ALA D 301 22.07 -8.11 30.68
N ARG D 302 22.92 -8.14 29.66
CA ARG D 302 22.86 -7.21 28.56
C ARG D 302 23.30 -7.95 27.30
N ILE D 303 22.52 -7.81 26.24
CA ILE D 303 22.78 -8.51 24.98
C ILE D 303 22.56 -7.54 23.83
N PRO D 304 23.11 -7.84 22.65
CA PRO D 304 22.90 -6.98 21.47
C PRO D 304 21.40 -6.73 21.16
N GLY D 305 21.10 -5.48 20.79
CA GLY D 305 19.72 -5.04 20.57
C GLY D 305 19.13 -5.38 19.21
N ARG D 306 19.98 -5.70 18.24
CA ARG D 306 19.55 -5.95 16.86
C ARG D 306 18.65 -4.82 16.33
N ASP D 307 18.95 -3.59 16.72
CA ASP D 307 18.20 -2.40 16.30
C ASP D 307 16.68 -2.52 16.53
N ALA D 308 16.32 -3.24 17.58
CA ALA D 308 14.89 -3.49 17.90
C ALA D 308 14.29 -2.21 18.46
N LEU D 309 12.99 -2.07 18.25
CA LEU D 309 12.22 -0.91 18.70
C LEU D 309 11.04 -1.31 19.61
N SER D 310 10.48 -2.49 19.37
CA SER D 310 9.34 -2.99 20.16
C SER D 310 9.52 -4.44 20.54
N MET D 311 8.87 -4.83 21.63
CA MET D 311 8.94 -6.21 22.12
C MET D 311 7.60 -6.68 22.67
N THR D 312 7.51 -7.96 22.95
CA THR D 312 6.42 -8.51 23.75
C THR D 312 6.90 -9.79 24.42
N ILE D 313 6.28 -10.13 25.56
CA ILE D 313 6.68 -11.26 26.39
C ILE D 313 5.54 -12.28 26.47
N ASP D 314 5.88 -13.56 26.35
CA ASP D 314 4.93 -14.61 26.65
C ASP D 314 5.30 -15.28 27.99
N GLN D 315 4.42 -15.13 28.96
CA GLN D 315 4.67 -15.64 30.32
C GLN D 315 4.63 -17.16 30.33
N GLN D 316 3.75 -17.71 29.50
CA GLN D 316 3.43 -19.12 29.53
C GLN D 316 4.54 -20.02 28.90
N ARG D 317 5.24 -19.49 27.91
CA ARG D 317 6.32 -20.23 27.24
C ARG D 317 7.72 -19.60 27.50
N ASN D 318 7.76 -18.53 28.29
CA ASN D 318 9.04 -17.90 28.65
C ASN D 318 9.82 -17.43 27.42
N LEU D 319 9.11 -16.67 26.60
CA LEU D 319 9.66 -16.08 25.38
C LEU D 319 9.57 -14.56 25.35
N MET D 320 10.49 -13.97 24.59
CA MET D 320 10.42 -12.57 24.26
C MET D 320 10.57 -12.43 22.75
N LEU D 321 9.68 -11.65 22.13
CA LEU D 321 9.85 -11.26 20.75
C LEU D 321 10.35 -9.84 20.67
N THR D 322 11.27 -9.53 19.75
CA THR D 322 11.62 -8.16 19.47
C THR D 322 11.43 -7.90 17.97
N LEU D 323 11.28 -6.62 17.65
CA LEU D 323 10.87 -6.19 16.33
C LEU D 323 11.57 -4.89 15.97
N ASP D 324 12.23 -4.85 14.82
CA ASP D 324 13.00 -3.69 14.39
C ASP D 324 12.27 -2.84 13.31
N GLY D 325 11.00 -3.16 13.05
CA GLY D 325 10.22 -2.51 11.98
C GLY D 325 9.84 -3.50 10.88
N GLY D 326 10.71 -4.46 10.63
CA GLY D 326 10.48 -5.44 9.57
C GLY D 326 10.75 -6.89 9.91
N ASN D 327 11.64 -7.11 10.88
CA ASN D 327 12.10 -8.45 11.24
C ASN D 327 11.76 -8.72 12.71
N VAL D 328 11.35 -9.96 13.03
CA VAL D 328 11.00 -10.38 14.37
C VAL D 328 12.05 -11.35 14.89
N ASN D 329 12.59 -11.08 16.07
CA ASN D 329 13.56 -11.95 16.70
C ASN D 329 12.88 -12.71 17.82
N VAL D 330 13.11 -14.02 17.88
CA VAL D 330 12.52 -14.88 18.91
C VAL D 330 13.58 -15.24 19.95
N TYR D 331 13.35 -14.87 21.22
CA TYR D 331 14.28 -15.20 22.33
C TYR D 331 13.64 -16.11 23.38
N ASP D 332 14.45 -17.07 23.87
CA ASP D 332 14.14 -17.87 25.06
C ASP D 332 14.62 -17.07 26.28
N ILE D 333 13.68 -16.73 27.18
CA ILE D 333 14.03 -15.95 28.39
C ILE D 333 13.74 -16.72 29.68
N SER D 334 13.77 -18.04 29.60
CA SER D 334 13.63 -18.90 30.78
C SER D 334 14.79 -18.77 31.76
N GLN D 335 15.95 -18.26 31.31
CA GLN D 335 17.08 -17.92 32.20
C GLN D 335 17.40 -16.43 32.10
N PRO D 336 18.13 -15.85 33.07
CA PRO D 336 18.47 -14.44 33.05
C PRO D 336 19.05 -13.89 31.74
N GLU D 337 19.96 -14.62 31.10
CA GLU D 337 20.44 -14.15 29.80
C GLU D 337 19.52 -14.66 28.69
N PRO D 338 18.91 -13.74 27.92
CA PRO D 338 18.09 -14.18 26.81
C PRO D 338 18.96 -14.94 25.77
N LYS D 339 18.37 -15.95 25.15
CA LYS D 339 19.03 -16.71 24.07
C LYS D 339 18.24 -16.52 22.77
N LEU D 340 18.92 -16.07 21.73
CA LEU D 340 18.30 -15.84 20.42
C LEU D 340 18.07 -17.19 19.72
N LEU D 341 16.82 -17.47 19.35
CA LEU D 341 16.42 -18.73 18.68
C LEU D 341 16.41 -18.62 17.14
N ARG D 342 15.87 -17.51 16.65
CA ARG D 342 15.78 -17.26 15.21
C ARG D 342 15.31 -15.85 14.94
N THR D 343 15.48 -15.43 13.70
CA THR D 343 14.93 -14.17 13.20
C THR D 343 14.00 -14.49 12.04
N ILE D 344 12.83 -13.86 12.04
CA ILE D 344 11.87 -13.96 10.95
C ILE D 344 12.03 -12.70 10.15
N GLU D 345 12.62 -12.82 8.96
CA GLU D 345 12.92 -11.70 8.11
C GLU D 345 11.70 -11.32 7.27
N GLY D 346 11.44 -10.03 7.16
CA GLY D 346 10.43 -9.54 6.24
C GLY D 346 9.02 -9.81 6.71
N ALA D 347 8.83 -9.85 8.02
CA ALA D 347 7.51 -10.09 8.62
C ALA D 347 6.57 -8.90 8.43
N ALA D 348 7.13 -7.74 8.15
CA ALA D 348 6.38 -6.50 7.97
C ALA D 348 7.21 -5.48 7.20
N GLU D 349 6.53 -4.52 6.59
CA GLU D 349 7.22 -3.38 5.99
C GLU D 349 7.42 -2.26 6.99
N ALA D 350 6.46 -2.04 7.88
CA ALA D 350 6.56 -1.00 8.91
C ALA D 350 5.69 -1.39 10.12
N SER D 351 6.23 -2.21 10.99
CA SER D 351 5.53 -2.64 12.21
C SER D 351 6.28 -2.21 13.43
N LEU D 352 5.54 -1.64 14.38
CA LEU D 352 6.06 -1.34 15.69
C LEU D 352 5.35 -2.15 16.77
N GLN D 353 4.62 -3.20 16.39
CA GLN D 353 3.93 -4.01 17.38
C GLN D 353 3.81 -5.46 16.96
N VAL D 354 4.25 -6.37 17.82
CA VAL D 354 4.00 -7.80 17.67
C VAL D 354 3.40 -8.34 18.98
N GLN D 355 2.51 -9.32 18.85
CA GLN D 355 1.83 -9.91 19.99
C GLN D 355 1.68 -11.43 19.76
N PHE D 356 1.76 -12.20 20.85
CA PHE D 356 1.49 -13.64 20.78
C PHE D 356 -0.01 -13.92 20.77
N HIS D 357 -0.41 -15.04 20.19
CA HIS D 357 -1.73 -15.55 20.43
C HIS D 357 -1.79 -16.04 21.88
N PRO D 358 -2.77 -15.60 22.64
CA PRO D 358 -2.80 -15.99 24.06
C PRO D 358 -2.95 -17.48 24.24
N VAL D 359 -2.18 -18.00 25.19
CA VAL D 359 -2.32 -19.31 25.69
C VAL D 359 -2.59 -19.14 27.17
N GLY D 360 -3.67 -19.72 27.64
CA GLY D 360 -3.94 -19.72 29.07
C GLY D 360 -4.20 -18.31 29.54
N GLY D 361 -3.58 -17.92 30.66
CA GLY D 361 -3.69 -16.53 31.14
C GLY D 361 -4.78 -16.25 32.17
N THR D 362 -5.64 -17.22 32.45
CA THR D 362 -6.62 -17.09 33.53
C THR D 362 -5.92 -16.84 34.85
C1' PEA E . 1.33 10.40 11.39
C6' PEA E . 0.37 9.96 10.70
C5' PEA E . -0.24 8.90 11.01
C4' PEA E . 0.11 8.26 12.07
C3' PEA E . 1.08 8.67 12.76
C2' PEA E . 1.70 9.75 12.42
C2 PEA E . 2.05 11.67 10.89
C1 PEA E . 2.39 12.67 12.01
N PEA E . 2.61 14.02 11.75
C1' PEA F . -3.64 -9.46 -11.60
C6' PEA F . -4.26 -9.14 -10.54
C5' PEA F . -4.66 -7.96 -10.35
C4' PEA F . -4.42 -7.06 -11.23
C3' PEA F . -3.82 -7.35 -12.30
C2' PEA F . -3.41 -8.55 -12.49
C2 PEA F . -3.14 -10.91 -11.88
C1 PEA F . -4.05 -12.04 -11.33
N PEA F . -3.69 -13.37 -11.54
#